data_3EW1
#
_entry.id   3EW1
#
_cell.length_a   115.834
_cell.length_b   116.851
_cell.length_c   48.874
_cell.angle_alpha   90.00
_cell.angle_beta   90.00
_cell.angle_gamma   90.00
#
_symmetry.space_group_name_H-M   'P 21 21 2'
#
loop_
_entity.id
_entity.type
_entity.pdbx_description
1 polymer rhizavidin
2 water water
#
_entity_poly.entity_id   1
_entity_poly.type   'polypeptide(L)'
_entity_poly.pdbx_seq_one_letter_code
;FDASNFKDFSSIASASSSWQNQSGSTMIIQVDSFGNVSGQYVNRAQGTGCQNSPYPLTGRVNGTFIAFSVGWNNSTENCN
SATGWTGYAQVNGNNTEIVTSWNLAYEGGSGPAIEQGQDTFQYVPTTENKSLLKD
;
_entity_poly.pdbx_strand_id   A,B,C,D,E,F
#
# COMPACT_ATOMS: atom_id res chain seq x y z
N PHE A 1 10.66 4.94 22.46
CA PHE A 1 9.69 6.07 22.62
C PHE A 1 9.48 6.40 24.12
N ASP A 2 9.99 7.56 24.53
CA ASP A 2 9.90 8.02 25.91
C ASP A 2 8.53 8.72 26.02
N ALA A 3 7.54 8.02 26.55
CA ALA A 3 6.17 8.55 26.71
C ALA A 3 6.07 9.74 27.69
N SER A 4 7.10 9.94 28.48
CA SER A 4 7.12 11.11 29.37
C SER A 4 7.65 12.38 28.67
N ASN A 5 8.10 12.24 27.42
CA ASN A 5 8.75 13.33 26.68
C ASN A 5 8.33 13.38 25.19
N PHE A 6 7.14 12.84 24.93
CA PHE A 6 6.53 12.93 23.62
C PHE A 6 6.56 14.39 23.13
N LYS A 7 7.07 14.58 21.91
CA LYS A 7 7.12 15.90 21.32
C LYS A 7 5.97 16.08 20.33
N ASP A 8 5.90 15.16 19.39
CA ASP A 8 4.79 15.09 18.44
C ASP A 8 4.72 13.68 17.92
N PHE A 9 3.82 13.43 16.98
CA PHE A 9 3.68 12.09 16.49
C PHE A 9 4.92 11.47 15.87
N SER A 10 5.92 12.26 15.47
CA SER A 10 7.19 11.67 15.02
C SER A 10 8.04 11.06 16.16
N SER A 11 7.69 11.40 17.41
CA SER A 11 8.27 10.68 18.54
C SER A 11 7.88 9.19 18.48
N ILE A 12 6.68 8.94 17.92
CA ILE A 12 6.01 7.61 17.79
C ILE A 12 5.83 7.18 16.32
N ALA A 13 6.31 8.00 15.36
CA ALA A 13 6.34 7.55 13.99
C ALA A 13 7.32 6.39 13.74
N SER A 14 6.96 5.57 12.77
CA SER A 14 7.83 4.50 12.32
C SER A 14 7.84 3.20 13.13
N ALA A 15 7.27 3.16 14.33
CA ALA A 15 6.91 1.87 14.95
C ALA A 15 5.47 1.86 15.48
N SER A 16 4.91 0.69 15.77
CA SER A 16 3.57 0.63 16.32
C SER A 16 3.45 1.18 17.72
N SER A 17 2.27 1.74 18.06
CA SER A 17 2.06 2.12 19.49
C SER A 17 0.63 1.74 19.86
N SER A 18 0.44 1.36 21.13
CA SER A 18 -0.85 0.88 21.65
C SER A 18 -1.47 1.89 22.60
N TRP A 19 -2.79 1.95 22.65
CA TRP A 19 -3.51 3.00 23.35
C TRP A 19 -4.77 2.39 23.95
N GLN A 20 -5.24 2.95 25.04
CA GLN A 20 -6.47 2.48 25.70
C GLN A 20 -7.27 3.65 26.20
N ASN A 21 -8.56 3.72 25.83
CA ASN A 21 -9.39 4.83 26.31
C ASN A 21 -10.13 4.54 27.62
N GLN A 22 -10.90 5.54 28.09
CA GLN A 22 -11.58 5.52 29.39
C GLN A 22 -12.68 4.46 29.46
N SER A 23 -13.09 3.98 28.30
CA SER A 23 -14.17 3.01 28.18
C SER A 23 -13.70 1.58 28.00
N GLY A 24 -12.39 1.37 27.91
CA GLY A 24 -11.88 0.03 27.75
C GLY A 24 -11.48 -0.33 26.34
N SER A 25 -11.88 0.50 25.37
CA SER A 25 -11.47 0.28 23.99
C SER A 25 -9.98 0.50 23.81
N THR A 26 -9.42 -0.26 22.88
CA THR A 26 -7.99 -0.17 22.61
C THR A 26 -7.75 0.05 21.11
N MET A 27 -6.58 0.64 20.79
CA MET A 27 -6.16 0.68 19.41
C MET A 27 -4.71 0.50 19.30
N ILE A 28 -4.28 -0.07 18.17
CA ILE A 28 -2.84 -0.16 17.87
C ILE A 28 -2.63 0.58 16.58
N ILE A 29 -1.69 1.55 16.57
CA ILE A 29 -1.55 2.38 15.38
C ILE A 29 -0.15 2.46 14.85
N GLN A 30 -0.05 2.78 13.57
CA GLN A 30 1.22 3.02 12.89
C GLN A 30 1.19 4.42 12.32
N VAL A 31 2.14 5.27 12.70
CA VAL A 31 2.28 6.57 12.07
C VAL A 31 3.56 6.58 11.23
N ASP A 32 3.47 6.82 9.94
CA ASP A 32 4.63 6.78 9.08
C ASP A 32 5.22 8.17 8.96
N SER A 33 6.31 8.29 8.23
CA SER A 33 6.98 9.59 8.19
C SER A 33 6.30 10.59 7.25
N PHE A 34 5.26 10.14 6.54
CA PHE A 34 4.51 11.01 5.63
C PHE A 34 3.20 11.51 6.23
N GLY A 35 2.96 11.18 7.49
CA GLY A 35 1.82 11.65 8.25
C GLY A 35 0.64 10.72 8.14
N ASN A 36 0.85 9.56 7.53
N ASN A 36 0.87 9.54 7.56
CA ASN A 36 -0.25 8.59 7.46
CA ASN A 36 -0.25 8.57 7.43
C ASN A 36 -0.46 7.90 8.80
C ASN A 36 -0.44 7.62 8.61
N VAL A 37 -1.69 7.49 9.06
CA VAL A 37 -1.99 6.62 10.19
C VAL A 37 -2.75 5.41 9.71
N SER A 38 -2.28 4.24 10.10
N SER A 38 -2.29 4.24 10.13
CA SER A 38 -3.06 3.03 9.93
CA SER A 38 -2.98 2.97 9.90
C SER A 38 -3.24 2.42 11.31
C SER A 38 -3.05 2.26 11.24
N GLY A 39 -4.01 1.36 11.39
CA GLY A 39 -4.14 0.69 12.65
C GLY A 39 -5.35 -0.18 12.74
N GLN A 40 -5.55 -0.68 13.98
CA GLN A 40 -6.72 -1.51 14.28
C GLN A 40 -7.30 -1.04 15.60
N TYR A 41 -8.63 -1.04 15.66
CA TYR A 41 -9.37 -0.54 16.81
C TYR A 41 -10.20 -1.66 17.38
N VAL A 42 -10.18 -1.86 18.71
CA VAL A 42 -11.06 -2.86 19.30
C VAL A 42 -11.98 -2.12 20.25
N ASN A 43 -13.28 -2.15 19.92
CA ASN A 43 -14.29 -1.44 20.68
C ASN A 43 -14.73 -2.30 21.87
N ARG A 44 -14.81 -1.70 23.07
CA ARG A 44 -15.41 -2.35 24.23
C ARG A 44 -16.33 -1.40 24.98
N ALA A 45 -16.84 -0.36 24.32
CA ALA A 45 -17.69 0.63 25.00
C ALA A 45 -19.04 0.03 25.36
N GLN A 46 -19.43 0.16 26.62
CA GLN A 46 -20.66 -0.49 27.11
C GLN A 46 -21.88 -0.05 26.29
N GLY A 47 -22.75 -1.01 26.01
CA GLY A 47 -23.97 -0.73 25.25
C GLY A 47 -23.85 -0.79 23.73
N THR A 48 -22.64 -0.99 23.21
CA THR A 48 -22.47 -0.92 21.75
C THR A 48 -22.31 -2.29 21.14
N GLY A 49 -22.63 -2.39 19.86
CA GLY A 49 -22.29 -3.57 19.07
C GLY A 49 -20.82 -3.58 18.69
N CYS A 50 -20.44 -4.59 17.90
CA CYS A 50 -19.09 -4.63 17.31
C CYS A 50 -17.98 -4.49 18.37
N GLN A 51 -18.08 -5.27 19.44
CA GLN A 51 -17.02 -5.33 20.47
C GLN A 51 -16.14 -6.52 20.29
N ASN A 52 -14.91 -6.35 20.77
CA ASN A 52 -13.98 -7.46 20.92
C ASN A 52 -13.54 -8.14 19.64
N SER A 53 -13.57 -7.37 18.54
CA SER A 53 -12.87 -7.79 17.31
C SER A 53 -12.25 -6.59 16.63
N PRO A 54 -11.12 -6.80 15.93
CA PRO A 54 -10.41 -5.62 15.39
C PRO A 54 -11.03 -5.03 14.12
N TYR A 55 -11.12 -3.71 14.12
CA TYR A 55 -11.69 -2.96 12.94
C TYR A 55 -10.57 -2.08 12.37
N PRO A 56 -10.43 -2.04 11.05
CA PRO A 56 -9.41 -1.16 10.49
C PRO A 56 -9.62 0.30 10.82
N LEU A 57 -8.52 1.00 11.07
N LEU A 57 -8.48 0.97 10.98
CA LEU A 57 -8.56 2.42 11.37
CA LEU A 57 -8.39 2.37 11.29
C LEU A 57 -7.54 3.13 10.47
C LEU A 57 -7.46 3.02 10.25
N THR A 58 -7.93 4.26 9.89
N THR A 58 -7.81 4.24 9.87
CA THR A 58 -6.98 5.04 9.09
CA THR A 58 -6.93 5.07 9.04
C THR A 58 -7.02 6.49 9.64
C THR A 58 -7.10 6.56 9.37
N GLY A 59 -6.00 7.29 9.30
CA GLY A 59 -6.04 8.70 9.63
C GLY A 59 -4.85 9.46 9.15
N ARG A 60 -4.70 10.67 9.70
CA ARG A 60 -3.66 11.60 9.28
C ARG A 60 -3.18 12.34 10.52
N VAL A 61 -1.88 12.67 10.54
CA VAL A 61 -1.35 13.49 11.63
C VAL A 61 -0.67 14.76 11.10
N ASN A 62 -0.74 15.82 11.88
CA ASN A 62 0.06 17.01 11.59
C ASN A 62 0.54 17.56 12.92
N GLY A 63 1.84 17.41 13.14
CA GLY A 63 2.50 17.75 14.43
C GLY A 63 1.86 16.97 15.57
N THR A 64 1.23 17.66 16.53
CA THR A 64 0.59 16.95 17.65
C THR A 64 -0.88 16.65 17.39
N PHE A 65 -1.36 17.04 16.21
CA PHE A 65 -2.79 16.92 15.88
C PHE A 65 -3.05 15.68 15.07
N ILE A 66 -4.22 15.07 15.30
CA ILE A 66 -4.56 13.83 14.63
C ILE A 66 -6.03 13.76 14.34
N ALA A 67 -6.32 13.09 13.24
CA ALA A 67 -7.70 12.68 12.96
C ALA A 67 -7.69 11.24 12.44
N PHE A 68 -8.64 10.43 12.91
CA PHE A 68 -8.67 9.05 12.45
C PHE A 68 -10.09 8.52 12.32
N SER A 69 -10.25 7.42 11.61
CA SER A 69 -11.62 7.05 11.13
C SER A 69 -11.71 5.52 11.25
N VAL A 70 -12.89 5.04 11.62
CA VAL A 70 -13.18 3.59 11.69
C VAL A 70 -14.58 3.42 11.08
N GLY A 71 -14.65 2.47 10.18
CA GLY A 71 -15.97 1.96 9.71
C GLY A 71 -16.29 0.66 10.44
N TRP A 72 -17.54 0.47 10.82
CA TRP A 72 -17.92 -0.61 11.72
C TRP A 72 -18.34 -1.90 11.01
N ASN A 73 -17.57 -2.30 10.00
CA ASN A 73 -17.75 -3.61 9.40
C ASN A 73 -16.35 -4.17 9.13
N ASN A 74 -16.05 -5.32 9.73
CA ASN A 74 -14.76 -5.99 9.55
C ASN A 74 -14.90 -7.41 8.97
N SER A 75 -16.11 -7.76 8.51
CA SER A 75 -16.53 -9.14 8.11
C SER A 75 -16.85 -10.09 9.27
N THR A 76 -16.54 -9.71 10.51
CA THR A 76 -16.95 -10.52 11.66
C THR A 76 -18.29 -9.96 12.13
N GLU A 77 -18.34 -8.65 12.35
CA GLU A 77 -19.60 -8.04 12.73
C GLU A 77 -19.76 -6.69 12.04
N ASN A 78 -20.95 -6.48 11.49
CA ASN A 78 -21.28 -5.26 10.79
C ASN A 78 -22.33 -4.45 11.54
N CYS A 79 -21.93 -3.27 12.01
CA CYS A 79 -22.82 -2.37 12.72
C CYS A 79 -23.32 -1.18 11.85
N ASN A 80 -22.97 -1.21 10.57
N ASN A 80 -23.02 -1.17 10.57
CA ASN A 80 -23.51 -0.26 9.56
CA ASN A 80 -23.62 -0.12 9.69
C ASN A 80 -23.35 1.20 9.99
C ASN A 80 -23.46 1.29 10.21
N SER A 81 -22.20 1.51 10.60
N SER A 81 -22.22 1.71 10.44
CA SER A 81 -21.93 2.87 11.09
CA SER A 81 -22.01 3.00 11.05
C SER A 81 -20.49 3.32 10.79
C SER A 81 -20.52 3.30 10.94
N ALA A 82 -20.20 4.57 11.15
CA ALA A 82 -18.78 5.01 11.12
C ALA A 82 -18.50 6.04 12.19
N THR A 83 -17.26 6.01 12.73
CA THR A 83 -16.79 7.03 13.66
C THR A 83 -15.53 7.75 13.21
N GLY A 84 -15.46 9.06 13.46
CA GLY A 84 -14.30 9.84 13.18
C GLY A 84 -13.91 10.50 14.46
N TRP A 85 -12.62 10.37 14.80
CA TRP A 85 -12.15 11.10 15.94
C TRP A 85 -11.15 12.18 15.50
N THR A 86 -11.09 13.28 16.25
CA THR A 86 -10.20 14.40 15.92
C THR A 86 -9.66 14.92 17.23
N GLY A 87 -8.35 15.16 17.31
CA GLY A 87 -7.84 15.73 18.54
C GLY A 87 -6.33 15.89 18.51
N TYR A 88 -5.70 15.65 19.65
CA TYR A 88 -4.29 15.99 19.78
C TYR A 88 -3.65 15.17 20.86
N ALA A 89 -2.34 14.97 20.75
CA ALA A 89 -1.56 14.26 21.78
C ALA A 89 -0.89 15.25 22.68
N GLN A 90 -0.75 14.83 23.94
CA GLN A 90 0.03 15.61 24.90
C GLN A 90 0.60 14.74 26.00
N VAL A 91 1.61 15.26 26.69
CA VAL A 91 2.10 14.58 27.88
C VAL A 91 1.29 15.02 29.08
N ASN A 92 0.74 14.04 29.79
CA ASN A 92 -0.04 14.29 30.99
C ASN A 92 0.35 13.28 32.09
N GLY A 93 0.83 13.78 33.22
CA GLY A 93 1.31 12.93 34.32
C GLY A 93 2.33 11.87 33.92
N ASN A 94 3.37 12.30 33.22
CA ASN A 94 4.43 11.40 32.73
C ASN A 94 3.99 10.22 31.87
N ASN A 95 2.85 10.36 31.21
CA ASN A 95 2.52 9.49 30.12
C ASN A 95 1.97 10.36 29.01
N THR A 96 1.87 9.79 27.82
CA THR A 96 1.20 10.51 26.75
C THR A 96 -0.22 10.04 26.47
N GLU A 97 -1.07 10.99 26.12
CA GLU A 97 -2.48 10.67 25.83
C GLU A 97 -2.92 11.40 24.61
N ILE A 98 -3.93 10.84 23.95
CA ILE A 98 -4.54 11.49 22.82
C ILE A 98 -5.97 11.92 23.22
N VAL A 99 -6.18 13.23 23.24
CA VAL A 99 -7.48 13.81 23.62
C VAL A 99 -8.27 14.03 22.35
N THR A 100 -9.50 13.48 22.33
CA THR A 100 -10.32 13.51 21.10
C THR A 100 -11.76 13.83 21.33
N SER A 101 -12.33 14.41 20.28
CA SER A 101 -13.78 14.47 20.13
C SER A 101 -14.13 13.53 18.99
N TRP A 102 -15.28 12.86 19.11
CA TRP A 102 -15.72 11.96 18.03
C TRP A 102 -17.15 12.22 17.62
N ASN A 103 -17.42 11.82 16.39
CA ASN A 103 -18.79 11.79 15.82
C ASN A 103 -19.01 10.37 15.37
N LEU A 104 -20.19 9.85 15.69
CA LEU A 104 -20.61 8.54 15.23
C LEU A 104 -21.79 8.75 14.32
N ALA A 105 -21.68 8.31 13.08
CA ALA A 105 -22.81 8.39 12.13
C ALA A 105 -23.42 6.98 12.01
N TYR A 106 -24.76 6.90 12.08
CA TYR A 106 -25.43 5.61 12.17
C TYR A 106 -26.87 5.79 11.76
N GLU A 107 -27.59 4.68 11.61
CA GLU A 107 -29.02 4.67 11.35
C GLU A 107 -29.78 4.74 12.66
N GLY A 108 -30.42 5.88 12.92
CA GLY A 108 -31.18 6.07 14.17
C GLY A 108 -32.62 5.62 13.98
N GLY A 109 -33.45 5.88 14.99
CA GLY A 109 -34.88 5.52 14.94
C GLY A 109 -35.63 6.08 13.74
N SER A 110 -35.38 7.36 13.42
CA SER A 110 -36.12 8.05 12.35
C SER A 110 -35.30 8.33 11.11
N GLY A 111 -34.03 7.93 11.09
CA GLY A 111 -33.17 8.05 9.92
C GLY A 111 -31.71 8.22 10.40
N PRO A 112 -30.76 8.46 9.46
CA PRO A 112 -29.33 8.72 9.79
C PRO A 112 -29.18 9.86 10.81
N ALA A 113 -28.32 9.63 11.80
CA ALA A 113 -28.08 10.57 12.87
C ALA A 113 -26.56 10.59 13.17
N ILE A 114 -26.11 11.65 13.84
CA ILE A 114 -24.70 11.76 14.24
C ILE A 114 -24.71 12.05 15.73
N GLU A 115 -24.06 11.16 16.49
CA GLU A 115 -23.93 11.22 17.94
C GLU A 115 -22.51 11.75 18.17
N GLN A 116 -22.33 12.58 19.20
CA GLN A 116 -21.04 13.18 19.51
C GLN A 116 -20.57 12.71 20.86
N GLY A 117 -19.26 12.67 21.06
CA GLY A 117 -18.73 12.36 22.38
C GLY A 117 -17.25 12.68 22.42
N GLN A 118 -16.59 12.29 23.51
CA GLN A 118 -15.14 12.56 23.67
C GLN A 118 -14.51 11.30 24.19
N ASP A 119 -13.35 10.96 23.64
CA ASP A 119 -12.52 9.88 24.21
C ASP A 119 -11.10 10.39 24.50
N THR A 120 -10.54 9.91 25.58
CA THR A 120 -9.11 10.13 25.78
C THR A 120 -8.40 8.80 25.87
N PHE A 121 -7.39 8.65 25.03
CA PHE A 121 -6.54 7.42 24.96
C PHE A 121 -5.22 7.54 25.71
N GLN A 122 -4.95 6.60 26.60
CA GLN A 122 -3.66 6.61 27.26
C GLN A 122 -2.71 5.65 26.54
N TYR A 123 -1.45 6.07 26.37
CA TYR A 123 -0.43 5.16 25.79
C TYR A 123 -0.24 3.94 26.70
N VAL A 124 -0.14 2.77 26.08
CA VAL A 124 0.08 1.50 26.75
C VAL A 124 1.45 0.95 26.33
N PRO A 125 2.44 0.96 27.24
CA PRO A 125 3.70 0.36 26.81
C PRO A 125 3.61 -1.15 26.53
N THR A 126 4.49 -1.67 25.66
CA THR A 126 4.49 -3.09 25.34
C THR A 126 4.85 -3.93 26.51
N THR A 127 4.28 -5.12 26.61
CA THR A 127 4.81 -6.13 27.52
C THR A 127 5.63 -7.14 26.74
N GLU A 128 6.53 -7.84 27.41
CA GLU A 128 7.49 -8.65 26.67
C GLU A 128 7.52 -10.02 27.28
N ASN A 129 7.58 -11.04 26.41
CA ASN A 129 7.87 -12.43 26.78
C ASN A 129 9.10 -12.94 26.04
N LYS A 130 9.78 -13.92 26.67
CA LYS A 130 10.92 -14.61 26.06
C LYS A 130 10.55 -15.30 24.73
N SER A 131 9.36 -15.89 24.69
CA SER A 131 8.90 -16.66 23.54
C SER A 131 7.37 -16.87 23.62
N LEU A 132 6.81 -17.45 22.57
CA LEU A 132 5.37 -17.57 22.48
C LEU A 132 4.83 -18.76 23.31
N LEU A 133 5.73 -19.65 23.79
CA LEU A 133 5.33 -20.86 24.51
C LEU A 133 5.50 -20.73 26.02
N LYS A 134 4.49 -21.14 26.79
CA LYS A 134 4.50 -20.96 28.24
C LYS A 134 5.11 -22.17 28.92
N PHE B 1 -27.84 -0.32 -4.25
CA PHE B 1 -28.55 -0.12 -5.54
C PHE B 1 -28.51 -1.46 -6.24
N ASP B 2 -29.65 -2.14 -6.31
CA ASP B 2 -29.63 -3.52 -6.81
C ASP B 2 -29.06 -3.63 -8.22
N ALA B 3 -29.29 -2.62 -9.05
CA ALA B 3 -28.84 -2.70 -10.44
C ALA B 3 -27.31 -2.80 -10.51
N SER B 4 -26.62 -2.32 -9.47
CA SER B 4 -25.16 -2.42 -9.45
C SER B 4 -24.65 -3.87 -9.39
N ASN B 5 -25.53 -4.82 -9.09
CA ASN B 5 -25.16 -6.22 -9.08
C ASN B 5 -25.05 -6.85 -10.46
N PHE B 6 -25.54 -6.11 -11.47
CA PHE B 6 -25.71 -6.64 -12.82
C PHE B 6 -24.89 -5.85 -13.82
N LYS B 7 -23.66 -5.54 -13.41
CA LYS B 7 -22.70 -4.73 -14.18
C LYS B 7 -21.35 -5.44 -14.07
N ASP B 8 -20.31 -4.84 -14.66
CA ASP B 8 -18.95 -5.34 -14.52
C ASP B 8 -18.53 -5.24 -13.04
N PHE B 9 -17.99 -6.31 -12.48
CA PHE B 9 -17.58 -6.31 -11.07
C PHE B 9 -16.46 -5.30 -10.75
N SER B 10 -15.44 -5.29 -11.60
CA SER B 10 -14.27 -4.44 -11.35
C SER B 10 -14.71 -2.98 -11.27
N SER B 11 -15.58 -2.58 -12.19
N SER B 11 -15.58 -2.59 -12.20
CA SER B 11 -16.02 -1.20 -12.27
CA SER B 11 -16.07 -1.23 -12.29
C SER B 11 -16.89 -0.76 -11.08
C SER B 11 -16.79 -0.80 -11.01
N ILE B 12 -17.58 -1.71 -10.45
CA ILE B 12 -18.46 -1.40 -9.31
C ILE B 12 -17.90 -1.72 -7.90
N ALA B 13 -16.90 -2.59 -7.83
CA ALA B 13 -16.26 -2.96 -6.57
C ALA B 13 -15.53 -1.77 -5.97
N SER B 14 -15.15 -0.81 -6.79
CA SER B 14 -14.45 0.37 -6.29
C SER B 14 -15.08 1.63 -6.88
N ALA B 15 -14.67 2.78 -6.36
CA ALA B 15 -15.19 4.07 -6.78
C ALA B 15 -14.06 5.08 -6.85
N SER B 16 -14.10 5.92 -7.86
N SER B 16 -14.09 5.95 -7.85
CA SER B 16 -13.24 7.05 -8.02
CA SER B 16 -13.18 7.07 -7.95
C SER B 16 -14.19 8.20 -8.26
C SER B 16 -13.97 8.31 -8.35
N SER B 17 -14.19 9.20 -7.39
CA SER B 17 -15.21 10.26 -7.51
C SER B 17 -14.77 11.57 -6.92
N SER B 18 -15.28 12.65 -7.50
CA SER B 18 -15.01 14.01 -7.06
C SER B 18 -16.24 14.64 -6.44
N TRP B 19 -16.00 15.59 -5.54
CA TRP B 19 -17.00 16.16 -4.65
C TRP B 19 -16.65 17.61 -4.38
N GLN B 20 -17.69 18.43 -4.21
CA GLN B 20 -17.54 19.85 -3.85
C GLN B 20 -18.44 20.17 -2.68
N ASN B 21 -17.92 20.79 -1.61
CA ASN B 21 -18.82 21.22 -0.52
C ASN B 21 -19.35 22.65 -0.72
N GLN B 22 -20.20 23.09 0.21
CA GLN B 22 -20.85 24.39 0.13
C GLN B 22 -19.91 25.60 0.21
N SER B 23 -18.67 25.36 0.62
CA SER B 23 -17.66 26.41 0.77
C SER B 23 -16.76 26.47 -0.44
N GLY B 24 -16.98 25.52 -1.35
CA GLY B 24 -16.19 25.47 -2.57
C GLY B 24 -14.99 24.56 -2.46
N SER B 25 -14.83 23.92 -1.29
CA SER B 25 -13.75 22.98 -1.14
C SER B 25 -14.06 21.73 -1.95
N THR B 26 -13.02 21.09 -2.47
CA THR B 26 -13.19 19.87 -3.27
C THR B 26 -12.37 18.70 -2.71
N MET B 27 -12.86 17.50 -2.95
CA MET B 27 -12.07 16.34 -2.66
C MET B 27 -12.21 15.32 -3.77
N ILE B 28 -11.16 14.57 -3.99
CA ILE B 28 -11.14 13.53 -4.96
C ILE B 28 -10.88 12.29 -4.18
N ILE B 29 -11.78 11.31 -4.24
CA ILE B 29 -11.62 10.10 -3.40
C ILE B 29 -11.61 8.81 -4.20
N GLN B 30 -10.99 7.81 -3.61
CA GLN B 30 -10.97 6.46 -4.13
C GLN B 30 -11.44 5.60 -3.00
N VAL B 31 -12.44 4.80 -3.24
CA VAL B 31 -12.96 3.87 -2.25
C VAL B 31 -12.71 2.47 -2.79
N ASP B 32 -11.92 1.66 -2.08
CA ASP B 32 -11.65 0.33 -2.57
C ASP B 32 -12.66 -0.71 -2.07
N SER B 33 -12.53 -1.93 -2.57
CA SER B 33 -13.50 -2.99 -2.26
C SER B 33 -13.46 -3.48 -0.80
N PHE B 34 -12.41 -3.07 -0.04
CA PHE B 34 -12.22 -3.44 1.35
C PHE B 34 -12.66 -2.35 2.31
N GLY B 35 -13.16 -1.24 1.77
CA GLY B 35 -13.67 -0.19 2.63
C GLY B 35 -12.71 0.96 2.86
N ASN B 36 -11.52 0.90 2.26
N ASN B 36 -11.50 0.87 2.31
CA ASN B 36 -10.51 1.94 2.48
CA ASN B 36 -10.54 1.95 2.53
C ASN B 36 -10.71 3.15 1.57
C ASN B 36 -10.92 3.15 1.67
N VAL B 37 -10.66 4.35 2.16
CA VAL B 37 -10.81 5.59 1.38
C VAL B 37 -9.45 6.30 1.34
N SER B 38 -9.05 6.72 0.13
N SER B 38 -9.06 6.77 0.16
CA SER B 38 -7.88 7.56 -0.04
CA SER B 38 -7.84 7.57 -0.02
C SER B 38 -8.37 8.78 -0.78
C SER B 38 -8.18 8.65 -1.00
N GLY B 39 -7.52 9.80 -0.88
CA GLY B 39 -7.81 10.89 -1.76
C GLY B 39 -7.05 12.12 -1.45
N GLN B 40 -7.53 13.24 -1.96
CA GLN B 40 -6.86 14.52 -1.85
C GLN B 40 -7.90 15.57 -1.64
N TYR B 41 -7.65 16.49 -0.73
CA TYR B 41 -8.62 17.51 -0.41
C TYR B 41 -8.01 18.88 -0.73
N VAL B 42 -8.81 19.75 -1.34
CA VAL B 42 -8.37 21.12 -1.65
C VAL B 42 -9.32 22.08 -0.95
N ASN B 43 -8.80 22.80 0.03
CA ASN B 43 -9.55 23.72 0.82
C ASN B 43 -9.67 25.06 0.09
N ARG B 44 -10.88 25.60 0.07
CA ARG B 44 -11.17 26.91 -0.48
C ARG B 44 -12.09 27.72 0.44
N ALA B 45 -12.18 27.34 1.71
CA ALA B 45 -13.03 28.03 2.68
C ALA B 45 -12.51 29.43 2.92
N GLN B 46 -13.40 30.40 2.70
CA GLN B 46 -13.06 31.82 2.70
C GLN B 46 -12.27 32.25 3.92
N GLY B 47 -11.12 32.90 3.70
CA GLY B 47 -10.35 33.49 4.79
C GLY B 47 -9.48 32.52 5.60
N THR B 48 -9.44 31.26 5.20
CA THR B 48 -8.67 30.24 5.93
C THR B 48 -7.27 30.06 5.35
N GLY B 49 -6.36 29.51 6.14
CA GLY B 49 -5.03 29.14 5.63
C GLY B 49 -5.10 27.86 4.80
N CYS B 50 -3.98 27.47 4.19
CA CYS B 50 -3.93 26.18 3.53
C CYS B 50 -4.99 26.00 2.46
N GLN B 51 -5.15 27.04 1.65
CA GLN B 51 -6.05 26.96 0.49
C GLN B 51 -5.31 26.60 -0.80
N ASN B 52 -6.03 26.04 -1.77
CA ASN B 52 -5.55 25.88 -3.14
C ASN B 52 -4.36 24.95 -3.35
N SER B 53 -4.12 24.02 -2.43
CA SER B 53 -3.11 22.97 -2.64
C SER B 53 -3.66 21.66 -2.08
N PRO B 54 -3.25 20.51 -2.67
CA PRO B 54 -3.93 19.28 -2.24
C PRO B 54 -3.32 18.72 -0.99
N TYR B 55 -4.19 18.26 -0.09
CA TYR B 55 -3.81 17.62 1.18
C TYR B 55 -4.31 16.18 1.17
N PRO B 56 -3.47 15.23 1.60
CA PRO B 56 -3.89 13.83 1.64
C PRO B 56 -5.10 13.64 2.54
N LEU B 57 -5.98 12.76 2.11
CA LEU B 57 -7.11 12.36 2.90
C LEU B 57 -7.17 10.85 2.97
N THR B 58 -7.63 10.36 4.10
CA THR B 58 -7.78 8.92 4.29
C THR B 58 -9.04 8.67 5.10
N GLY B 59 -9.66 7.51 4.96
CA GLY B 59 -10.98 7.31 5.57
C GLY B 59 -11.41 5.85 5.48
N ARG B 60 -12.64 5.59 5.95
CA ARG B 60 -13.23 4.24 5.91
C ARG B 60 -14.70 4.39 5.58
N VAL B 61 -15.24 3.38 4.90
CA VAL B 61 -16.68 3.34 4.59
C VAL B 61 -17.28 2.09 5.18
N ASN B 62 -18.52 2.20 5.62
CA ASN B 62 -19.31 1.03 6.01
C ASN B 62 -20.70 1.30 5.50
N GLY B 63 -21.08 0.59 4.45
CA GLY B 63 -22.44 0.82 3.89
C GLY B 63 -22.51 2.21 3.26
N THR B 64 -23.48 3.03 3.67
CA THR B 64 -23.53 4.41 3.19
C THR B 64 -22.78 5.37 4.10
N PHE B 65 -22.23 4.85 5.19
CA PHE B 65 -21.53 5.68 6.18
C PHE B 65 -20.06 5.82 5.91
N ILE B 66 -19.53 7.00 6.24
CA ILE B 66 -18.15 7.29 5.89
C ILE B 66 -17.56 8.19 6.93
N ALA B 67 -16.28 7.95 7.19
CA ALA B 67 -15.49 8.85 8.04
C ALA B 67 -14.16 9.09 7.35
N PHE B 68 -13.69 10.33 7.31
CA PHE B 68 -12.42 10.59 6.66
C PHE B 68 -11.69 11.72 7.36
N SER B 69 -10.41 11.83 7.06
CA SER B 69 -9.45 12.63 7.89
C SER B 69 -8.42 13.35 7.04
N VAL B 70 -8.06 14.59 7.43
CA VAL B 70 -7.07 15.37 6.71
C VAL B 70 -6.19 16.03 7.77
N GLY B 71 -4.86 15.84 7.66
CA GLY B 71 -3.89 16.65 8.43
C GLY B 71 -3.48 17.84 7.56
N TRP B 72 -3.29 19.02 8.17
CA TRP B 72 -3.09 20.23 7.40
C TRP B 72 -1.61 20.62 7.11
N ASN B 73 -0.82 19.63 6.70
CA ASN B 73 0.53 19.83 6.21
C ASN B 73 0.77 18.93 5.01
N ASN B 74 1.04 19.53 3.86
CA ASN B 74 1.40 18.81 2.64
C ASN B 74 2.83 19.17 2.11
N SER B 75 3.60 19.95 2.90
CA SER B 75 4.94 20.53 2.54
C SER B 75 4.88 21.77 1.66
N THR B 76 3.68 22.13 1.22
CA THR B 76 3.48 23.41 0.57
C THR B 76 3.02 24.43 1.62
N GLU B 77 2.06 24.05 2.45
CA GLU B 77 1.64 24.93 3.53
C GLU B 77 1.23 24.08 4.70
N ASN B 78 1.71 24.48 5.87
CA ASN B 78 1.41 23.82 7.14
C ASN B 78 0.53 24.71 8.02
N CYS B 79 -0.65 24.22 8.36
CA CYS B 79 -1.57 24.96 9.23
C CYS B 79 -1.69 24.32 10.61
N ASN B 80 -0.83 23.34 10.88
CA ASN B 80 -0.72 22.77 12.25
C ASN B 80 -2.09 22.42 12.86
N SER B 81 -2.83 21.57 12.17
N SER B 81 -2.83 21.59 12.14
CA SER B 81 -4.17 21.20 12.64
CA SER B 81 -4.22 21.32 12.44
C SER B 81 -4.63 19.96 11.88
C SER B 81 -4.62 19.96 11.86
N ALA B 82 -5.82 19.46 12.23
CA ALA B 82 -6.35 18.23 11.60
C ALA B 82 -7.84 18.30 11.64
N THR B 83 -8.51 17.75 10.62
CA THR B 83 -9.97 17.73 10.57
C THR B 83 -10.43 16.31 10.34
N GLY B 84 -11.54 15.97 11.00
CA GLY B 84 -12.13 14.68 10.86
C GLY B 84 -13.57 14.92 10.45
N TRP B 85 -14.04 14.27 9.40
CA TRP B 85 -15.44 14.33 8.99
C TRP B 85 -16.07 12.97 9.20
N THR B 86 -17.34 12.99 9.60
CA THR B 86 -18.11 11.74 9.75
C THR B 86 -19.50 12.03 9.18
N GLY B 87 -20.09 11.10 8.43
CA GLY B 87 -21.44 11.31 7.89
C GLY B 87 -21.83 10.16 7.00
N TYR B 88 -22.68 10.47 6.03
CA TYR B 88 -23.27 9.43 5.20
C TYR B 88 -23.61 9.97 3.80
N ALA B 89 -23.67 9.05 2.84
CA ALA B 89 -24.10 9.35 1.46
C ALA B 89 -25.61 9.22 1.36
N GLN B 90 -26.25 10.15 0.64
CA GLN B 90 -27.66 9.97 0.29
C GLN B 90 -27.92 10.64 -1.05
N VAL B 91 -29.09 10.40 -1.62
CA VAL B 91 -29.42 10.91 -2.93
C VAL B 91 -30.45 12.02 -2.77
N ASN B 92 -30.27 13.11 -3.49
N ASN B 92 -30.28 13.13 -3.49
CA ASN B 92 -31.31 14.13 -3.65
CA ASN B 92 -31.30 14.21 -3.58
C ASN B 92 -31.21 14.83 -5.00
C ASN B 92 -31.21 14.97 -4.91
N GLY B 93 -32.35 15.22 -5.55
CA GLY B 93 -32.39 15.92 -6.83
C GLY B 93 -31.55 15.23 -7.91
N ASN B 94 -31.59 13.90 -7.93
CA ASN B 94 -30.84 13.11 -8.91
C ASN B 94 -29.28 13.23 -8.80
N ASN B 95 -28.78 13.61 -7.64
CA ASN B 95 -27.34 13.65 -7.41
C ASN B 95 -27.05 13.06 -6.05
N THR B 96 -25.91 12.39 -5.93
CA THR B 96 -25.43 11.89 -4.64
C THR B 96 -24.77 13.04 -3.85
N GLU B 97 -24.95 13.03 -2.53
CA GLU B 97 -24.30 14.03 -1.65
C GLU B 97 -23.80 13.31 -0.41
N ILE B 98 -22.76 13.86 0.22
CA ILE B 98 -22.33 13.30 1.49
C ILE B 98 -22.56 14.35 2.55
N VAL B 99 -23.37 14.02 3.54
CA VAL B 99 -23.72 14.92 4.63
C VAL B 99 -22.83 14.58 5.81
N THR B 100 -22.10 15.58 6.30
CA THR B 100 -21.08 15.35 7.34
C THR B 100 -21.11 16.36 8.49
N SER B 101 -20.60 15.93 9.65
CA SER B 101 -20.15 16.82 10.76
C SER B 101 -18.68 16.71 10.80
N TRP B 102 -18.01 17.80 11.16
CA TRP B 102 -16.53 17.79 11.29
C TRP B 102 -16.11 18.42 12.58
N ASN B 103 -14.92 17.96 13.00
CA ASN B 103 -14.15 18.55 14.08
C ASN B 103 -12.81 19.01 13.50
N LEU B 104 -12.35 20.16 13.97
CA LEU B 104 -11.05 20.70 13.60
C LEU B 104 -10.28 20.89 14.90
N ALA B 105 -9.16 20.19 15.02
CA ALA B 105 -8.25 20.35 16.16
C ALA B 105 -7.11 21.26 15.75
N TYR B 106 -6.85 22.26 16.57
CA TYR B 106 -5.88 23.30 16.21
C TYR B 106 -5.27 23.94 17.44
N GLU B 107 -4.26 24.76 17.22
CA GLU B 107 -3.62 25.50 18.30
C GLU B 107 -4.30 26.86 18.39
N GLY B 108 -5.11 27.06 19.43
CA GLY B 108 -5.75 28.35 19.67
C GLY B 108 -4.93 29.21 20.62
N GLY B 109 -5.47 30.39 20.96
CA GLY B 109 -4.82 31.31 21.92
C GLY B 109 -4.34 30.65 23.21
N SER B 110 -5.16 29.77 23.78
CA SER B 110 -4.92 29.16 25.10
C SER B 110 -4.29 27.78 25.07
N GLY B 111 -4.01 27.26 23.88
CA GLY B 111 -3.54 25.89 23.74
C GLY B 111 -4.42 25.14 22.76
N PRO B 112 -4.26 23.82 22.66
CA PRO B 112 -5.06 23.06 21.67
C PRO B 112 -6.54 23.20 21.91
N ALA B 113 -7.31 23.22 20.83
CA ALA B 113 -8.77 23.36 20.92
C ALA B 113 -9.44 22.64 19.76
N ILE B 114 -10.73 22.39 19.91
CA ILE B 114 -11.50 21.75 18.86
C ILE B 114 -12.63 22.70 18.40
N GLU B 115 -12.74 22.93 17.09
CA GLU B 115 -13.87 23.68 16.52
C GLU B 115 -14.80 22.65 15.80
N GLN B 116 -16.10 22.92 15.73
CA GLN B 116 -17.06 21.99 15.12
C GLN B 116 -17.84 22.65 14.04
N GLY B 117 -18.29 21.85 13.07
CA GLY B 117 -19.09 22.36 11.96
C GLY B 117 -19.76 21.27 11.15
N GLN B 118 -20.35 21.68 10.04
CA GLN B 118 -21.00 20.76 9.13
C GLN B 118 -20.63 21.10 7.71
N ASP B 119 -20.43 20.06 6.88
CA ASP B 119 -20.18 20.23 5.45
C ASP B 119 -21.06 19.23 4.73
N THR B 120 -21.60 19.64 3.58
CA THR B 120 -22.29 18.73 2.67
C THR B 120 -21.62 18.81 1.32
N PHE B 121 -21.19 17.65 0.81
CA PHE B 121 -20.46 17.52 -0.43
C PHE B 121 -21.39 17.04 -1.53
N GLN B 122 -21.37 17.71 -2.69
CA GLN B 122 -22.11 17.25 -3.86
C GLN B 122 -21.19 16.52 -4.83
N TYR B 123 -21.69 15.43 -5.41
CA TYR B 123 -20.95 14.70 -6.41
C TYR B 123 -20.71 15.61 -7.62
N VAL B 124 -19.50 15.54 -8.17
CA VAL B 124 -19.09 16.29 -9.36
C VAL B 124 -18.76 15.33 -10.49
N PRO B 125 -19.51 15.38 -11.62
CA PRO B 125 -19.25 14.49 -12.76
C PRO B 125 -17.92 14.81 -13.43
N THR B 126 -17.26 13.79 -13.97
CA THR B 126 -15.98 13.96 -14.66
C THR B 126 -16.16 14.68 -15.99
N THR B 127 -15.28 15.63 -16.27
N THR B 127 -15.27 15.63 -16.29
CA THR B 127 -15.21 16.20 -17.61
CA THR B 127 -15.26 16.20 -17.64
C THR B 127 -14.32 15.28 -18.46
C THR B 127 -14.23 15.49 -18.53
N GLU B 128 -14.68 15.08 -19.71
CA GLU B 128 -13.94 14.16 -20.58
C GLU B 128 -13.42 14.87 -21.84
N ASN B 129 -12.13 14.73 -22.12
CA ASN B 129 -11.48 15.41 -23.24
C ASN B 129 -10.80 14.38 -24.15
N LYS B 130 -10.65 14.74 -25.42
CA LYS B 130 -10.02 13.90 -26.41
C LYS B 130 -8.58 13.58 -26.03
N SER B 131 -7.84 14.62 -25.64
CA SER B 131 -6.44 14.51 -25.22
C SER B 131 -6.03 15.67 -24.32
N LEU B 132 -4.79 15.64 -23.83
CA LEU B 132 -4.29 16.73 -23.00
C LEU B 132 -4.16 18.01 -23.81
N LEU B 133 -4.12 17.87 -25.14
CA LEU B 133 -3.86 18.98 -26.05
C LEU B 133 -5.09 19.55 -26.74
N LYS B 134 -6.19 18.78 -26.72
CA LYS B 134 -7.42 19.10 -27.47
C LYS B 134 -8.66 18.57 -26.74
N ASP B 135 -9.67 19.42 -26.57
CA ASP B 135 -10.82 19.12 -25.69
C ASP B 135 -11.70 17.92 -26.07
N PHE C 1 -19.88 -13.90 -1.28
CA PHE C 1 -19.12 -15.18 -1.15
C PHE C 1 -19.99 -16.35 -0.64
N ASP C 2 -20.29 -17.27 -1.55
CA ASP C 2 -21.00 -18.49 -1.21
C ASP C 2 -20.03 -19.57 -0.69
N ALA C 3 -19.99 -19.74 0.64
CA ALA C 3 -18.97 -20.60 1.25
C ALA C 3 -19.21 -22.10 1.06
N SER C 4 -20.36 -22.47 0.51
CA SER C 4 -20.60 -23.87 0.13
C SER C 4 -20.05 -24.17 -1.26
N ASN C 5 -19.62 -23.12 -1.96
CA ASN C 5 -19.35 -23.17 -3.39
C ASN C 5 -17.99 -22.56 -3.76
N PHE C 6 -17.20 -22.27 -2.73
CA PHE C 6 -15.87 -21.75 -2.89
C PHE C 6 -15.12 -22.52 -4.00
N LYS C 7 -14.59 -21.78 -4.98
CA LYS C 7 -13.80 -22.36 -6.06
C LYS C 7 -12.32 -22.31 -5.75
N ASP C 8 -11.81 -21.10 -5.56
CA ASP C 8 -10.45 -20.93 -5.10
C ASP C 8 -10.40 -19.62 -4.34
N PHE C 9 -9.21 -19.22 -3.90
CA PHE C 9 -9.17 -18.00 -3.13
C PHE C 9 -9.74 -16.81 -3.88
N SER C 10 -9.79 -16.90 -5.21
CA SER C 10 -10.55 -15.91 -6.00
C SER C 10 -12.03 -15.70 -5.56
N SER C 11 -12.67 -16.76 -5.04
CA SER C 11 -14.06 -16.64 -4.57
C SER C 11 -14.17 -15.74 -3.35
N ILE C 12 -13.06 -15.56 -2.62
CA ILE C 12 -13.05 -14.66 -1.43
C ILE C 12 -12.20 -13.39 -1.65
N ALA C 13 -11.74 -13.18 -2.88
CA ALA C 13 -10.98 -11.97 -3.24
C ALA C 13 -11.89 -10.71 -3.22
N SER C 14 -11.28 -9.56 -2.97
CA SER C 14 -11.96 -8.28 -2.93
C SER C 14 -12.83 -7.93 -1.72
N ALA C 15 -13.12 -8.87 -0.83
CA ALA C 15 -13.75 -8.51 0.43
C ALA C 15 -13.02 -9.06 1.62
N SER C 16 -13.29 -8.57 2.81
CA SER C 16 -12.70 -9.20 3.99
C SER C 16 -13.45 -10.47 4.36
N SER C 17 -12.74 -11.42 4.96
CA SER C 17 -13.38 -12.63 5.45
C SER C 17 -12.74 -13.01 6.78
N SER C 18 -13.57 -13.58 7.63
CA SER C 18 -13.23 -14.02 8.98
C SER C 18 -13.18 -15.52 9.15
N TRP C 19 -12.22 -15.99 9.96
CA TRP C 19 -11.94 -17.40 10.11
C TRP C 19 -11.62 -17.70 11.58
N GLN C 20 -11.83 -18.95 11.99
CA GLN C 20 -11.60 -19.34 13.35
C GLN C 20 -11.07 -20.76 13.30
N ASN C 21 -9.98 -20.99 14.00
CA ASN C 21 -9.40 -22.35 14.05
C ASN C 21 -9.81 -23.17 15.27
N GLN C 22 -9.34 -24.42 15.33
CA GLN C 22 -9.70 -25.38 16.38
C GLN C 22 -9.20 -25.05 17.80
N SER C 23 -8.35 -24.03 17.89
CA SER C 23 -7.87 -23.48 19.16
C SER C 23 -8.65 -22.26 19.58
N GLY C 24 -9.55 -21.76 18.73
CA GLY C 24 -10.29 -20.55 19.09
C GLY C 24 -9.61 -19.28 18.54
N SER C 25 -8.41 -19.39 18.00
CA SER C 25 -7.78 -18.22 17.36
C SER C 25 -8.56 -17.80 16.13
N THR C 26 -8.57 -16.51 15.86
CA THR C 26 -9.23 -15.97 14.69
C THR C 26 -8.34 -15.17 13.79
N MET C 27 -8.73 -15.07 12.53
CA MET C 27 -8.08 -14.10 11.66
C MET C 27 -9.10 -13.47 10.74
N ILE C 28 -8.81 -12.22 10.40
CA ILE C 28 -9.61 -11.46 9.44
C ILE C 28 -8.69 -11.07 8.34
N ILE C 29 -9.01 -11.52 7.12
CA ILE C 29 -8.06 -11.37 6.02
C ILE C 29 -8.72 -10.71 4.80
N GLN C 30 -7.87 -10.04 4.01
CA GLN C 30 -8.24 -9.44 2.74
C GLN C 30 -7.39 -10.10 1.68
N VAL C 31 -7.98 -10.61 0.62
CA VAL C 31 -7.28 -11.24 -0.48
C VAL C 31 -7.58 -10.34 -1.69
N ASP C 32 -6.57 -9.72 -2.28
CA ASP C 32 -6.80 -8.82 -3.40
C ASP C 32 -6.72 -9.55 -4.74
N SER C 33 -6.94 -8.80 -5.84
CA SER C 33 -6.93 -9.35 -7.19
C SER C 33 -5.60 -9.89 -7.65
N PHE C 34 -4.54 -9.55 -6.93
CA PHE C 34 -3.22 -9.85 -7.37
C PHE C 34 -2.55 -10.93 -6.52
N GLY C 35 -3.34 -11.59 -5.67
CA GLY C 35 -2.84 -12.72 -4.85
C GLY C 35 -2.20 -12.34 -3.52
N ASN C 36 -2.29 -11.08 -3.17
CA ASN C 36 -1.81 -10.62 -1.88
C ASN C 36 -2.83 -10.88 -0.81
N VAL C 37 -2.34 -11.31 0.36
CA VAL C 37 -3.16 -11.46 1.53
C VAL C 37 -2.72 -10.48 2.57
N SER C 38 -3.63 -9.73 3.18
N SER C 38 -3.62 -9.71 3.16
CA SER C 38 -3.32 -8.90 4.35
CA SER C 38 -3.32 -8.96 4.40
C SER C 38 -4.37 -9.17 5.41
C SER C 38 -4.26 -9.42 5.49
N GLY C 39 -4.09 -8.85 6.66
CA GLY C 39 -5.05 -9.10 7.72
C GLY C 39 -4.51 -8.95 9.09
N GLN C 40 -5.27 -9.48 10.03
CA GLN C 40 -4.93 -9.43 11.42
C GLN C 40 -5.28 -10.76 12.04
N TYR C 41 -4.40 -11.22 12.90
CA TYR C 41 -4.57 -12.48 13.59
C TYR C 41 -4.75 -12.24 15.09
N VAL C 42 -5.69 -12.96 15.73
CA VAL C 42 -5.89 -12.88 17.19
C VAL C 42 -5.71 -14.28 17.75
N ASN C 43 -4.60 -14.45 18.46
CA ASN C 43 -4.20 -15.72 19.03
C ASN C 43 -4.96 -16.00 20.30
N ARG C 44 -5.54 -17.21 20.39
CA ARG C 44 -6.17 -17.67 21.62
C ARG C 44 -5.72 -19.09 22.01
N ALA C 45 -4.59 -19.55 21.48
CA ALA C 45 -4.20 -20.95 21.67
C ALA C 45 -3.70 -21.22 23.07
N GLN C 46 -4.22 -22.28 23.66
CA GLN C 46 -3.79 -22.69 25.00
C GLN C 46 -2.29 -22.87 25.03
N GLY C 47 -1.69 -22.34 26.10
CA GLY C 47 -0.28 -22.58 26.36
C GLY C 47 0.64 -21.59 25.69
N THR C 48 0.07 -20.55 25.07
CA THR C 48 0.86 -19.53 24.40
C THR C 48 0.72 -18.13 25.01
N GLY C 49 1.71 -17.26 24.80
CA GLY C 49 1.54 -15.83 25.11
C GLY C 49 0.86 -15.05 23.96
N CYS C 50 0.85 -13.72 24.03
CA CYS C 50 0.40 -12.89 22.89
C CYS C 50 -1.04 -13.26 22.51
N GLN C 51 -1.89 -13.37 23.53
CA GLN C 51 -3.32 -13.70 23.31
C GLN C 51 -4.14 -12.43 23.31
N ASN C 52 -5.24 -12.47 22.53
CA ASN C 52 -6.32 -11.47 22.67
C ASN C 52 -5.93 -10.05 22.20
N SER C 53 -4.95 -9.95 21.30
CA SER C 53 -4.72 -8.68 20.60
C SER C 53 -4.38 -8.93 19.14
N PRO C 54 -4.71 -7.97 18.26
CA PRO C 54 -4.48 -8.27 16.84
C PRO C 54 -3.01 -8.10 16.42
N TYR C 55 -2.53 -9.08 15.66
CA TYR C 55 -1.15 -9.07 15.08
C TYR C 55 -1.23 -9.03 13.55
N PRO C 56 -0.45 -8.15 12.91
CA PRO C 56 -0.49 -8.07 11.45
C PRO C 56 -0.16 -9.42 10.81
N LEU C 57 -0.90 -9.70 9.73
CA LEU C 57 -0.69 -10.92 8.98
C LEU C 57 -0.49 -10.56 7.53
N THR C 58 0.40 -11.25 6.84
CA THR C 58 0.58 -11.02 5.42
C THR C 58 0.89 -12.32 4.70
N GLY C 59 0.53 -12.41 3.44
CA GLY C 59 0.71 -13.67 2.74
C GLY C 59 0.40 -13.59 1.27
N ARG C 60 0.31 -14.76 0.64
CA ARG C 60 0.10 -14.87 -0.80
C ARG C 60 -0.78 -16.07 -1.06
N VAL C 61 -1.60 -15.97 -2.11
CA VAL C 61 -2.39 -17.11 -2.56
C VAL C 61 -2.06 -17.48 -4.03
N ASN C 62 -2.32 -18.75 -4.38
CA ASN C 62 -2.27 -19.22 -5.76
C ASN C 62 -3.32 -20.30 -5.87
N GLY C 63 -4.40 -20.02 -6.59
CA GLY C 63 -5.50 -20.99 -6.64
C GLY C 63 -6.05 -21.26 -5.25
N THR C 64 -6.05 -22.53 -4.85
CA THR C 64 -6.62 -22.97 -3.60
C THR C 64 -5.55 -22.96 -2.50
N PHE C 65 -4.33 -22.62 -2.89
CA PHE C 65 -3.21 -22.67 -1.96
C PHE C 65 -2.85 -21.30 -1.33
N ILE C 66 -2.43 -21.32 -0.07
CA ILE C 66 -2.14 -20.09 0.64
C ILE C 66 -0.92 -20.28 1.54
N ALA C 67 -0.18 -19.19 1.70
CA ALA C 67 0.85 -19.16 2.72
C ALA C 67 0.76 -17.80 3.38
N PHE C 68 0.83 -17.77 4.71
CA PHE C 68 0.78 -16.50 5.43
C PHE C 68 1.65 -16.53 6.68
N SER C 69 1.95 -15.33 7.15
CA SER C 69 3.02 -15.10 8.13
C SER C 69 2.57 -14.10 9.20
N VAL C 70 2.94 -14.35 10.46
CA VAL C 70 2.70 -13.43 11.55
C VAL C 70 4.01 -13.28 12.36
N GLY C 71 4.38 -12.02 12.67
CA GLY C 71 5.44 -11.76 13.65
C GLY C 71 4.77 -11.43 14.98
N TRP C 72 5.27 -11.99 16.08
CA TRP C 72 4.58 -11.83 17.36
C TRP C 72 4.96 -10.58 18.17
N ASN C 73 5.00 -9.44 17.51
N ASN C 73 4.86 -9.42 17.51
CA ASN C 73 4.99 -8.18 18.22
CA ASN C 73 5.13 -8.12 18.14
C ASN C 73 4.03 -7.27 17.47
C ASN C 73 4.28 -6.99 17.52
N ASN C 74 3.25 -6.58 18.26
CA ASN C 74 2.29 -5.60 17.76
C ASN C 74 2.32 -4.33 18.59
N SER C 75 3.32 -4.20 19.50
CA SER C 75 3.43 -3.09 20.47
C SER C 75 2.53 -3.18 21.69
N THR C 76 1.61 -4.16 21.70
CA THR C 76 0.88 -4.49 22.92
C THR C 76 1.64 -5.58 23.69
N GLU C 77 2.02 -6.63 22.98
CA GLU C 77 2.75 -7.74 23.57
C GLU C 77 3.75 -8.30 22.59
N ASN C 78 5.00 -8.49 23.03
CA ASN C 78 6.05 -9.04 22.19
C ASN C 78 6.47 -10.41 22.71
N CYS C 79 6.36 -11.41 21.86
CA CYS C 79 6.70 -12.79 22.21
C CYS C 79 7.92 -13.25 21.44
N ASN C 80 8.60 -12.31 20.78
CA ASN C 80 9.91 -12.54 20.16
C ASN C 80 9.99 -13.82 19.34
N SER C 81 9.10 -13.92 18.35
N SER C 81 9.03 -13.95 18.42
CA SER C 81 8.95 -15.14 17.55
CA SER C 81 8.81 -15.17 17.64
C SER C 81 8.10 -14.85 16.34
C SER C 81 8.16 -14.83 16.29
N ALA C 82 8.05 -15.83 15.43
CA ALA C 82 7.30 -15.67 14.18
C ALA C 82 6.70 -17.00 13.79
N THR C 83 5.50 -16.97 13.20
CA THR C 83 4.87 -18.17 12.69
C THR C 83 4.52 -18.04 11.20
N GLY C 84 4.76 -19.14 10.48
CA GLY C 84 4.41 -19.27 9.08
C GLY C 84 3.42 -20.41 8.92
N TRP C 85 2.27 -20.11 8.30
CA TRP C 85 1.28 -21.13 7.91
C TRP C 85 1.29 -21.37 6.42
N THR C 86 1.14 -22.63 6.00
CA THR C 86 1.06 -22.98 4.57
C THR C 86 -0.01 -24.01 4.45
N GLY C 87 -0.91 -23.85 3.47
CA GLY C 87 -1.97 -24.82 3.38
C GLY C 87 -2.89 -24.58 2.19
N TYR C 88 -4.14 -25.04 2.35
CA TYR C 88 -5.06 -25.03 1.25
C TYR C 88 -6.50 -24.86 1.73
N ALA C 89 -7.27 -24.21 0.89
CA ALA C 89 -8.71 -24.05 1.14
C ALA C 89 -9.48 -25.18 0.51
N GLN C 90 -10.57 -25.57 1.16
CA GLN C 90 -11.47 -26.58 0.56
C GLN C 90 -12.86 -26.50 1.17
N VAL C 91 -13.83 -27.02 0.43
CA VAL C 91 -15.20 -27.07 0.95
C VAL C 91 -15.30 -28.31 1.84
N ASN C 92 -15.81 -28.11 3.05
CA ASN C 92 -16.08 -29.22 3.96
C ASN C 92 -17.52 -29.07 4.48
N GLY C 93 -18.35 -30.00 4.04
CA GLY C 93 -19.79 -29.90 4.23
C GLY C 93 -20.33 -28.72 3.44
N ASN C 94 -20.95 -27.79 4.15
CA ASN C 94 -21.50 -26.59 3.51
C ASN C 94 -20.68 -25.34 3.84
N ASN C 95 -19.44 -25.54 4.27
CA ASN C 95 -18.59 -24.39 4.62
C ASN C 95 -17.21 -24.55 3.94
N THR C 96 -16.44 -23.47 3.92
N THR C 96 -16.44 -23.45 3.93
CA THR C 96 -15.06 -23.58 3.49
CA THR C 96 -15.07 -23.47 3.45
C THR C 96 -14.20 -23.58 4.72
C THR C 96 -14.18 -23.54 4.68
N GLU C 97 -13.14 -24.37 4.63
CA GLU C 97 -12.06 -24.39 5.64
C GLU C 97 -10.71 -24.24 4.97
N ILE C 98 -9.78 -23.71 5.74
CA ILE C 98 -8.37 -23.68 5.37
C ILE C 98 -7.53 -24.63 6.26
N VAL C 99 -6.92 -25.63 5.64
CA VAL C 99 -6.10 -26.62 6.39
C VAL C 99 -4.66 -26.18 6.22
N THR C 100 -3.94 -26.06 7.34
CA THR C 100 -2.58 -25.51 7.29
C THR C 100 -1.63 -26.31 8.14
N SER C 101 -0.36 -26.30 7.74
N SER C 101 -0.35 -26.28 7.78
CA SER C 101 0.78 -26.64 8.60
CA SER C 101 0.72 -26.69 8.68
C SER C 101 1.38 -25.32 9.04
C SER C 101 1.53 -25.44 9.00
N TRP C 102 1.85 -25.25 10.29
CA TRP C 102 2.61 -24.07 10.71
C TRP C 102 3.93 -24.45 11.33
N ASN C 103 4.85 -23.50 11.23
CA ASN C 103 6.17 -23.52 11.90
C ASN C 103 6.20 -22.24 12.72
N LEU C 104 6.72 -22.38 13.95
CA LEU C 104 6.89 -21.28 14.88
C LEU C 104 8.38 -21.27 15.14
N ALA C 105 9.04 -20.15 14.83
CA ALA C 105 10.46 -19.96 15.18
C ALA C 105 10.55 -19.09 16.42
N TYR C 106 11.35 -19.49 17.43
CA TYR C 106 11.26 -18.81 18.68
C TYR C 106 12.60 -19.07 19.40
N GLU C 107 12.83 -18.45 20.54
CA GLU C 107 14.04 -18.73 21.38
C GLU C 107 13.68 -19.84 22.34
N GLY C 108 14.29 -21.00 22.16
CA GLY C 108 14.01 -22.13 23.01
C GLY C 108 14.96 -22.09 24.20
N GLY C 109 14.93 -23.15 24.99
CA GLY C 109 15.76 -23.25 26.19
C GLY C 109 17.23 -23.08 25.89
N SER C 110 17.67 -23.55 24.73
CA SER C 110 19.10 -23.59 24.42
C SER C 110 19.52 -22.92 23.12
N GLY C 111 18.58 -22.22 22.46
CA GLY C 111 18.89 -21.42 21.27
C GLY C 111 17.61 -21.32 20.45
N PRO C 112 17.68 -20.71 19.24
CA PRO C 112 16.45 -20.62 18.42
C PRO C 112 16.00 -22.01 17.99
N ALA C 113 14.69 -22.18 17.84
CA ALA C 113 14.16 -23.49 17.58
C ALA C 113 12.90 -23.30 16.78
N ILE C 114 12.42 -24.41 16.23
CA ILE C 114 11.22 -24.42 15.38
C ILE C 114 10.27 -25.51 15.85
N GLU C 115 9.06 -25.12 16.16
CA GLU C 115 8.01 -25.99 16.63
C GLU C 115 6.99 -26.05 15.47
N GLN C 116 6.32 -27.18 15.31
CA GLN C 116 5.36 -27.31 14.24
C GLN C 116 4.04 -27.82 14.69
N GLY C 117 3.00 -27.58 13.89
CA GLY C 117 1.67 -28.06 14.23
C GLY C 117 0.74 -27.87 13.05
N GLN C 118 -0.50 -28.30 13.21
CA GLN C 118 -1.50 -28.08 12.19
C GLN C 118 -2.65 -27.20 12.75
N ASP C 119 -3.13 -26.24 11.96
CA ASP C 119 -4.38 -25.50 12.27
C ASP C 119 -5.35 -25.61 11.13
N THR C 120 -6.62 -25.83 11.46
CA THR C 120 -7.65 -25.80 10.44
C THR C 120 -8.62 -24.67 10.74
N PHE C 121 -8.75 -23.74 9.79
CA PHE C 121 -9.61 -22.56 10.00
C PHE C 121 -10.97 -22.73 9.33
N GLN C 122 -12.04 -22.48 10.09
CA GLN C 122 -13.38 -22.51 9.50
C GLN C 122 -13.81 -21.09 9.17
N TYR C 123 -14.44 -20.93 8.02
CA TYR C 123 -15.04 -19.64 7.67
C TYR C 123 -16.14 -19.24 8.67
N VAL C 124 -16.13 -17.98 9.09
CA VAL C 124 -17.12 -17.41 9.99
C VAL C 124 -17.90 -16.33 9.28
N PRO C 125 -19.19 -16.56 8.95
CA PRO C 125 -20.02 -15.53 8.31
C PRO C 125 -20.20 -14.32 9.20
N THR C 126 -20.40 -13.17 8.58
N THR C 126 -20.39 -13.14 8.60
CA THR C 126 -20.62 -11.93 9.29
CA THR C 126 -20.59 -11.90 9.36
C THR C 126 -21.95 -12.02 10.06
C THR C 126 -21.97 -11.87 9.98
N THR C 127 -22.05 -11.29 11.17
CA THR C 127 -23.35 -10.99 11.78
C THR C 127 -23.63 -9.49 11.55
N GLU C 128 -24.90 -9.15 11.44
N GLU C 128 -24.89 -9.08 11.54
CA GLU C 128 -25.26 -7.77 11.16
CA GLU C 128 -25.24 -7.77 11.03
C GLU C 128 -26.13 -7.26 12.28
C GLU C 128 -26.27 -7.13 11.93
N ASN C 129 -25.94 -5.98 12.55
CA ASN C 129 -26.81 -5.24 13.46
C ASN C 129 -27.32 -3.97 12.78
N LYS C 130 -28.44 -3.43 13.28
CA LYS C 130 -28.98 -2.19 12.73
C LYS C 130 -27.99 -1.02 12.85
N SER C 131 -27.37 -0.89 14.02
CA SER C 131 -26.44 0.21 14.23
C SER C 131 -25.40 -0.18 15.29
N LEU C 132 -24.43 0.69 15.54
CA LEU C 132 -23.51 0.43 16.65
C LEU C 132 -24.21 0.55 18.00
N LEU C 133 -25.36 1.22 18.00
CA LEU C 133 -26.09 1.53 19.23
C LEU C 133 -27.28 0.60 19.48
N LYS C 134 -27.76 -0.10 18.45
CA LYS C 134 -28.77 -1.14 18.68
C LYS C 134 -28.81 -2.25 17.62
N ASP C 135 -29.05 -3.48 18.08
CA ASP C 135 -29.04 -4.64 17.19
C ASP C 135 -30.25 -4.69 16.25
N PHE D 1 22.10 -5.65 17.77
CA PHE D 1 23.43 -4.96 17.68
C PHE D 1 23.42 -3.53 18.24
N ASP D 2 24.09 -3.30 19.37
CA ASP D 2 23.99 -2.02 20.03
C ASP D 2 24.43 -0.89 19.14
N ALA D 3 25.43 -1.13 18.30
CA ALA D 3 25.97 -0.07 17.45
C ALA D 3 24.88 0.52 16.56
N SER D 4 23.82 -0.26 16.28
CA SER D 4 22.79 0.21 15.37
C SER D 4 21.98 1.35 15.97
N ASN D 5 22.09 1.57 17.29
CA ASN D 5 21.48 2.70 17.96
C ASN D 5 22.19 4.04 17.78
N PHE D 6 23.43 4.00 17.23
CA PHE D 6 24.30 5.19 17.09
C PHE D 6 24.63 5.53 15.64
N LYS D 7 23.62 5.47 14.78
CA LYS D 7 23.74 5.60 13.32
C LYS D 7 22.54 6.46 12.87
N ASP D 8 22.40 6.64 11.56
CA ASP D 8 21.27 7.36 10.94
C ASP D 8 20.04 6.52 11.10
N PHE D 9 18.99 7.11 11.65
CA PHE D 9 17.73 6.41 11.88
C PHE D 9 17.13 5.84 10.61
N SER D 10 17.01 6.67 9.58
CA SER D 10 16.35 6.25 8.33
C SER D 10 17.02 5.06 7.66
N SER D 11 18.36 5.01 7.74
CA SER D 11 19.18 3.93 7.15
C SER D 11 19.03 2.62 7.87
N ILE D 12 18.96 2.70 9.18
CA ILE D 12 19.02 1.53 10.06
C ILE D 12 17.64 0.89 10.34
N ALA D 13 16.57 1.69 10.29
CA ALA D 13 15.22 1.23 10.63
C ALA D 13 14.57 0.42 9.51
N SER D 14 15.16 0.46 8.31
CA SER D 14 14.67 -0.36 7.20
C SER D 14 15.83 -1.08 6.55
N ALA D 15 15.52 -2.13 5.79
CA ALA D 15 16.55 -2.93 5.15
C ALA D 15 16.11 -3.25 3.74
N SER D 16 17.04 -3.17 2.81
N SER D 16 17.08 -3.30 2.85
CA SER D 16 16.87 -3.73 1.48
CA SER D 16 16.83 -3.75 1.51
C SER D 16 18.05 -4.64 1.29
C SER D 16 18.01 -4.61 1.08
N SER D 17 17.78 -5.91 1.03
CA SER D 17 18.88 -6.86 0.96
C SER D 17 18.56 -8.05 0.08
N SER D 18 19.60 -8.59 -0.53
CA SER D 18 19.57 -9.77 -1.36
C SER D 18 20.21 -10.99 -0.67
N TRP D 19 19.71 -12.17 -1.04
CA TRP D 19 20.01 -13.42 -0.36
C TRP D 19 20.05 -14.52 -1.40
N GLN D 20 20.81 -15.57 -1.11
CA GLN D 20 20.91 -16.73 -1.97
C GLN D 20 20.95 -18.00 -1.16
N ASN D 21 20.09 -18.97 -1.46
CA ASN D 21 20.08 -20.18 -0.67
C ASN D 21 21.02 -21.26 -1.28
N GLN D 22 21.10 -22.39 -0.59
CA GLN D 22 22.01 -23.47 -0.95
C GLN D 22 21.64 -24.17 -2.26
N SER D 23 20.39 -24.02 -2.72
CA SER D 23 20.00 -24.56 -4.02
C SER D 23 20.08 -23.56 -5.15
N GLY D 24 20.54 -22.35 -4.86
CA GLY D 24 20.82 -21.34 -5.89
C GLY D 24 19.69 -20.34 -6.13
N SER D 25 18.57 -20.48 -5.44
CA SER D 25 17.47 -19.48 -5.54
C SER D 25 17.83 -18.19 -4.87
N THR D 26 17.31 -17.07 -5.30
CA THR D 26 17.67 -15.78 -4.72
C THR D 26 16.39 -15.06 -4.33
N MET D 27 16.46 -14.26 -3.29
CA MET D 27 15.35 -13.38 -2.96
C MET D 27 15.85 -11.99 -2.66
N ILE D 28 15.05 -10.99 -2.98
CA ILE D 28 15.39 -9.62 -2.70
C ILE D 28 14.31 -9.14 -1.81
N ILE D 29 14.63 -8.70 -0.59
CA ILE D 29 13.57 -8.33 0.34
C ILE D 29 13.73 -6.90 0.83
N GLN D 30 12.59 -6.33 1.22
CA GLN D 30 12.53 -5.04 1.86
C GLN D 30 11.89 -5.22 3.22
N VAL D 31 12.55 -4.80 4.30
CA VAL D 31 12.00 -4.89 5.62
C VAL D 31 11.79 -3.46 6.13
N ASP D 32 10.55 -3.12 6.47
CA ASP D 32 10.28 -1.76 6.95
C ASP D 32 10.25 -1.68 8.46
N SER D 33 10.09 -0.46 8.96
CA SER D 33 10.32 -0.15 10.37
C SER D 33 9.18 -0.70 11.23
N PHE D 34 8.08 -1.08 10.59
CA PHE D 34 6.94 -1.66 11.24
C PHE D 34 6.92 -3.19 11.19
N GLY D 35 7.94 -3.79 10.55
CA GLY D 35 8.13 -5.24 10.59
C GLY D 35 7.58 -5.96 9.39
N ASN D 36 7.14 -5.18 8.39
N ASN D 36 7.08 -5.19 8.42
CA ASN D 36 6.61 -5.76 7.16
CA ASN D 36 6.56 -5.76 7.17
C ASN D 36 7.69 -6.07 6.14
C ASN D 36 7.73 -6.18 6.30
N VAL D 37 7.54 -7.23 5.50
CA VAL D 37 8.55 -7.69 4.54
C VAL D 37 7.86 -7.80 3.20
N SER D 38 8.47 -7.20 2.18
N SER D 38 8.43 -7.16 2.19
CA SER D 38 8.06 -7.35 0.79
CA SER D 38 8.05 -7.40 0.80
C SER D 38 9.29 -7.69 -0.04
C SER D 38 9.26 -7.98 0.09
N GLY D 39 9.08 -8.36 -1.16
CA GLY D 39 10.22 -8.77 -1.99
C GLY D 39 9.84 -9.58 -3.21
N GLN D 40 10.87 -10.18 -3.78
CA GLN D 40 10.72 -11.02 -4.97
C GLN D 40 11.64 -12.18 -4.79
N TYR D 41 11.15 -13.34 -5.18
CA TYR D 41 11.87 -14.59 -5.12
C TYR D 41 12.09 -15.14 -6.52
N VAL D 42 13.33 -15.54 -6.82
CA VAL D 42 13.60 -16.23 -8.11
C VAL D 42 14.06 -17.63 -7.81
N ASN D 43 13.28 -18.62 -8.17
CA ASN D 43 13.57 -20.00 -7.88
C ASN D 43 14.54 -20.56 -8.94
N ARG D 44 15.59 -21.26 -8.48
CA ARG D 44 16.54 -21.94 -9.35
C ARG D 44 16.82 -23.36 -8.87
N ALA D 45 15.96 -23.90 -8.00
CA ALA D 45 16.12 -25.29 -7.52
C ALA D 45 16.02 -26.31 -8.67
N GLN D 46 17.09 -27.08 -8.82
CA GLN D 46 17.21 -28.08 -9.88
C GLN D 46 15.95 -28.92 -10.02
N GLY D 47 15.44 -29.02 -11.23
CA GLY D 47 14.33 -29.94 -11.49
C GLY D 47 12.94 -29.44 -11.17
N THR D 48 12.84 -28.23 -10.63
CA THR D 48 11.54 -27.66 -10.27
C THR D 48 10.94 -26.82 -11.38
N GLY D 49 9.63 -26.61 -11.30
CA GLY D 49 8.96 -25.65 -12.15
C GLY D 49 9.15 -24.22 -11.64
N CYS D 50 8.66 -23.25 -12.41
CA CYS D 50 8.58 -21.86 -11.99
C CYS D 50 9.98 -21.36 -11.61
N GLN D 51 10.95 -21.68 -12.46
CA GLN D 51 12.30 -21.11 -12.32
C GLN D 51 12.51 -19.86 -13.14
N ASN D 52 13.48 -19.04 -12.72
CA ASN D 52 13.98 -17.94 -13.55
C ASN D 52 13.00 -16.82 -13.86
N SER D 53 11.95 -16.67 -13.06
CA SER D 53 11.10 -15.49 -13.15
C SER D 53 10.76 -15.06 -11.73
N PRO D 54 10.61 -13.76 -11.48
CA PRO D 54 10.37 -13.29 -10.12
C PRO D 54 8.94 -13.56 -9.64
N TYR D 55 8.81 -14.07 -8.42
CA TYR D 55 7.52 -14.26 -7.74
C TYR D 55 7.41 -13.35 -6.51
N PRO D 56 6.29 -12.67 -6.32
CA PRO D 56 6.13 -11.83 -5.18
C PRO D 56 6.33 -12.59 -3.86
N LEU D 57 6.89 -11.89 -2.90
CA LEU D 57 7.14 -12.45 -1.58
C LEU D 57 6.63 -11.47 -0.54
N THR D 58 6.01 -11.96 0.52
N THR D 58 5.96 -11.95 0.49
CA THR D 58 5.59 -11.10 1.62
CA THR D 58 5.53 -11.11 1.63
C THR D 58 5.69 -11.79 2.99
C THR D 58 5.96 -11.79 2.92
N GLY D 59 6.07 -11.03 4.02
CA GLY D 59 6.41 -11.63 5.31
C GLY D 59 6.33 -10.65 6.46
N ARG D 60 6.81 -11.11 7.63
CA ARG D 60 6.81 -10.30 8.82
C ARG D 60 8.11 -10.65 9.57
N VAL D 61 8.66 -9.67 10.27
N VAL D 61 8.68 -9.66 10.23
CA VAL D 61 9.85 -9.90 11.09
CA VAL D 61 9.78 -9.92 11.15
C VAL D 61 9.57 -9.47 12.53
C VAL D 61 9.39 -9.62 12.59
N ASN D 62 10.16 -10.20 13.50
CA ASN D 62 10.01 -9.88 14.90
C ASN D 62 11.37 -10.19 15.50
N GLY D 63 12.14 -9.14 15.79
CA GLY D 63 13.53 -9.33 16.25
C GLY D 63 14.35 -9.96 15.14
N THR D 64 14.99 -11.09 15.47
CA THR D 64 15.77 -11.83 14.49
C THR D 64 14.92 -12.91 13.81
N PHE D 65 13.64 -13.02 14.17
CA PHE D 65 12.78 -14.05 13.60
C PHE D 65 12.07 -13.52 12.40
N ILE D 66 11.81 -14.41 11.44
CA ILE D 66 11.13 -14.01 10.21
C ILE D 66 10.22 -15.13 9.70
N ALA D 67 9.07 -14.73 9.12
CA ALA D 67 8.31 -15.70 8.35
C ALA D 67 7.96 -15.01 7.02
N PHE D 68 8.08 -15.72 5.91
CA PHE D 68 7.68 -15.14 4.60
C PHE D 68 7.04 -16.21 3.72
N SER D 69 6.37 -15.72 2.67
CA SER D 69 5.42 -16.53 1.89
C SER D 69 5.55 -16.18 0.43
N VAL D 70 5.44 -17.20 -0.43
CA VAL D 70 5.38 -17.06 -1.90
C VAL D 70 4.27 -17.94 -2.49
N GLY D 71 3.47 -17.32 -3.36
CA GLY D 71 2.50 -18.04 -4.20
C GLY D 71 3.15 -18.28 -5.54
N TRP D 72 2.97 -19.48 -6.10
CA TRP D 72 3.68 -19.83 -7.31
C TRP D 72 2.92 -19.53 -8.62
N ASN D 73 2.35 -18.34 -8.70
CA ASN D 73 1.80 -17.81 -9.91
C ASN D 73 2.10 -16.34 -9.97
N ASN D 74 2.88 -15.96 -11.00
CA ASN D 74 3.21 -14.55 -11.29
C ASN D 74 2.68 -14.04 -12.64
N SER D 75 1.80 -14.83 -13.27
CA SER D 75 1.31 -14.62 -14.64
C SER D 75 2.27 -15.04 -15.76
N THR D 76 3.51 -15.37 -15.43
CA THR D 76 4.45 -15.90 -16.39
C THR D 76 4.33 -17.42 -16.38
N GLU D 77 4.39 -18.01 -15.19
CA GLU D 77 4.30 -19.45 -15.04
C GLU D 77 3.59 -19.74 -13.73
N ASN D 78 2.61 -20.65 -13.80
CA ASN D 78 1.76 -21.04 -12.69
C ASN D 78 2.02 -22.47 -12.27
N CYS D 79 2.52 -22.66 -11.04
CA CYS D 79 2.82 -24.00 -10.52
C CYS D 79 1.81 -24.41 -9.46
N ASN D 80 0.74 -23.62 -9.33
CA ASN D 80 -0.40 -24.00 -8.51
C ASN D 80 -0.05 -24.51 -7.10
N SER D 81 0.60 -23.66 -6.31
N SER D 81 0.62 -23.64 -6.34
CA SER D 81 1.12 -24.10 -5.02
CA SER D 81 1.26 -24.04 -5.09
C SER D 81 1.62 -22.86 -4.28
C SER D 81 1.56 -22.80 -4.24
N ALA D 82 2.02 -23.04 -3.02
CA ALA D 82 2.47 -21.94 -2.15
C ALA D 82 3.48 -22.47 -1.19
N THR D 83 4.49 -21.65 -0.89
CA THR D 83 5.53 -22.02 0.10
C THR D 83 5.59 -20.97 1.18
N GLY D 84 5.79 -21.47 2.39
CA GLY D 84 5.88 -20.63 3.59
C GLY D 84 7.20 -21.01 4.28
N TRP D 85 8.06 -20.00 4.52
CA TRP D 85 9.35 -20.20 5.23
C TRP D 85 9.28 -19.56 6.59
N THR D 86 9.90 -20.18 7.60
CA THR D 86 9.90 -19.62 8.91
C THR D 86 11.29 -19.88 9.50
N GLY D 87 11.91 -18.87 10.13
CA GLY D 87 13.27 -19.05 10.61
C GLY D 87 13.81 -17.79 11.26
N TYR D 88 15.14 -17.63 11.20
CA TYR D 88 15.76 -16.59 11.97
C TYR D 88 17.07 -16.21 11.30
N ALA D 89 17.40 -14.93 11.42
CA ALA D 89 18.73 -14.44 11.04
C ALA D 89 19.77 -14.76 12.08
N GLN D 90 20.93 -15.21 11.62
CA GLN D 90 22.05 -15.38 12.52
C GLN D 90 23.35 -15.09 11.78
N VAL D 91 24.44 -15.01 12.53
CA VAL D 91 25.72 -14.66 11.95
C VAL D 91 26.63 -15.85 12.05
N ASN D 92 27.19 -16.29 10.93
N ASN D 92 27.16 -16.26 10.89
CA ASN D 92 28.38 -17.13 11.01
CA ASN D 92 28.25 -17.24 10.78
C ASN D 92 29.44 -16.83 9.95
C ASN D 92 29.41 -16.59 9.98
N GLY D 93 30.65 -16.73 10.46
CA GLY D 93 31.82 -16.28 9.69
C GLY D 93 31.70 -14.86 9.11
N ASN D 94 31.37 -13.87 9.95
CA ASN D 94 31.20 -12.46 9.50
C ASN D 94 30.24 -12.23 8.27
N ASN D 95 29.41 -13.24 7.98
CA ASN D 95 28.26 -13.02 7.09
C ASN D 95 26.95 -13.36 7.78
N THR D 96 25.84 -12.73 7.38
CA THR D 96 24.56 -12.99 7.99
C THR D 96 23.91 -14.09 7.16
N GLU D 97 23.18 -15.00 7.81
CA GLU D 97 22.40 -15.99 7.09
C GLU D 97 20.98 -16.05 7.66
N ILE D 98 20.05 -16.61 6.91
CA ILE D 98 18.73 -16.81 7.45
C ILE D 98 18.47 -18.31 7.38
N VAL D 99 18.23 -18.91 8.53
CA VAL D 99 18.04 -20.37 8.62
C VAL D 99 16.54 -20.61 8.67
N THR D 100 16.02 -21.41 7.74
CA THR D 100 14.56 -21.59 7.65
C THR D 100 14.14 -23.04 7.52
N SER D 101 12.92 -23.33 7.97
CA SER D 101 12.15 -24.50 7.58
C SER D 101 11.03 -24.04 6.67
N TRP D 102 10.67 -24.85 5.67
CA TRP D 102 9.60 -24.43 4.80
C TRP D 102 8.59 -25.55 4.57
N ASN D 103 7.37 -25.14 4.22
CA ASN D 103 6.29 -26.04 3.83
C ASN D 103 5.83 -25.62 2.45
N LEU D 104 5.58 -26.60 1.58
CA LEU D 104 5.08 -26.36 0.24
C LEU D 104 3.74 -27.06 0.14
N ALA D 105 2.68 -26.28 -0.09
CA ALA D 105 1.34 -26.85 -0.30
C ALA D 105 1.07 -26.91 -1.81
N TYR D 106 0.59 -28.06 -2.29
CA TYR D 106 0.51 -28.31 -3.70
C TYR D 106 -0.56 -29.37 -3.90
N GLU D 107 -0.90 -29.65 -5.14
CA GLU D 107 -1.91 -30.67 -5.41
C GLU D 107 -1.17 -32.02 -5.55
N GLY D 108 -1.35 -32.87 -4.55
CA GLY D 108 -0.82 -34.23 -4.59
C GLY D 108 -1.81 -35.15 -5.30
N GLY D 109 -1.47 -36.43 -5.36
CA GLY D 109 -2.27 -37.43 -6.09
C GLY D 109 -3.73 -37.57 -5.71
N SER D 110 -4.01 -37.62 -4.41
CA SER D 110 -5.38 -37.85 -3.91
C SER D 110 -6.05 -36.53 -3.49
N GLY D 111 -5.26 -35.46 -3.51
CA GLY D 111 -5.72 -34.15 -3.06
C GLY D 111 -4.55 -33.29 -2.58
N PRO D 112 -4.86 -32.11 -2.05
CA PRO D 112 -3.80 -31.20 -1.58
C PRO D 112 -2.91 -31.87 -0.55
N ALA D 113 -1.62 -31.51 -0.54
CA ALA D 113 -0.64 -32.14 0.32
C ALA D 113 0.29 -31.03 0.71
N ILE D 114 0.99 -31.26 1.82
N ILE D 114 1.07 -31.24 1.77
CA ILE D 114 2.09 -30.43 2.27
CA ILE D 114 2.04 -30.22 2.21
C ILE D 114 3.36 -31.26 2.15
C ILE D 114 3.38 -30.93 2.48
N GLU D 115 4.41 -30.60 1.67
CA GLU D 115 5.76 -31.15 1.74
C GLU D 115 6.64 -30.24 2.61
N GLN D 116 7.44 -30.83 3.49
CA GLN D 116 8.43 -30.08 4.32
C GLN D 116 9.80 -29.97 3.66
N GLY D 117 10.53 -28.92 4.01
CA GLY D 117 11.91 -28.78 3.57
C GLY D 117 12.65 -27.77 4.43
N GLN D 118 13.90 -27.50 4.04
CA GLN D 118 14.78 -26.58 4.79
C GLN D 118 15.65 -25.81 3.81
N ASP D 119 15.79 -24.49 4.00
CA ASP D 119 16.69 -23.64 3.21
C ASP D 119 17.44 -22.75 4.15
N THR D 120 18.71 -22.48 3.82
CA THR D 120 19.50 -21.46 4.49
C THR D 120 19.97 -20.45 3.44
N PHE D 121 19.62 -19.19 3.66
CA PHE D 121 19.95 -18.12 2.73
C PHE D 121 21.17 -17.34 3.21
N GLN D 122 22.15 -17.10 2.34
CA GLN D 122 23.28 -16.24 2.65
C GLN D 122 23.08 -14.82 2.13
N TYR D 123 23.46 -13.82 2.91
CA TYR D 123 23.48 -12.45 2.42
C TYR D 123 24.40 -12.29 1.22
N VAL D 124 23.93 -11.54 0.22
CA VAL D 124 24.68 -11.22 -1.02
C VAL D 124 24.86 -9.70 -1.12
N PRO D 125 26.09 -9.20 -0.98
CA PRO D 125 26.26 -7.76 -1.06
C PRO D 125 25.95 -7.23 -2.46
N THR D 126 25.51 -5.99 -2.52
CA THR D 126 25.21 -5.38 -3.80
C THR D 126 26.44 -5.16 -4.66
N THR D 127 26.28 -5.33 -5.98
CA THR D 127 27.25 -4.97 -7.00
C THR D 127 26.93 -3.58 -7.51
N GLU D 128 27.94 -2.71 -7.56
CA GLU D 128 27.73 -1.31 -7.89
C GLU D 128 28.41 -0.98 -9.20
N ASN D 129 27.66 -0.37 -10.12
CA ASN D 129 28.19 0.06 -11.41
C ASN D 129 28.05 1.56 -11.56
N LYS D 130 28.94 2.16 -12.38
CA LYS D 130 28.86 3.58 -12.71
C LYS D 130 27.50 3.99 -13.30
N SER D 131 27.05 3.18 -14.27
CA SER D 131 25.77 3.39 -14.94
C SER D 131 25.22 2.10 -15.54
N LEU D 132 24.00 2.21 -16.07
CA LEU D 132 23.36 1.10 -16.75
C LEU D 132 24.19 0.72 -17.97
N LEU D 133 24.91 1.67 -18.56
CA LEU D 133 25.64 1.36 -19.78
C LEU D 133 27.14 1.16 -19.60
N LYS D 134 27.65 1.36 -18.38
CA LYS D 134 29.09 1.17 -18.10
C LYS D 134 29.37 0.77 -16.66
N ASP D 135 30.29 -0.17 -16.48
CA ASP D 135 30.69 -0.61 -15.16
C ASP D 135 31.62 0.40 -14.48
N PHE E 6 21.73 18.95 -0.11
CA PHE E 6 21.24 17.89 -1.04
C PHE E 6 22.38 17.06 -1.59
N LYS E 7 22.48 15.81 -1.13
CA LYS E 7 23.41 14.84 -1.67
C LYS E 7 22.76 14.28 -2.93
N ASP E 8 21.69 13.54 -2.71
CA ASP E 8 20.94 12.89 -3.75
C ASP E 8 19.49 12.73 -3.23
N PHE E 9 18.68 11.90 -3.86
CA PHE E 9 17.27 11.77 -3.45
C PHE E 9 17.02 11.22 -2.05
N SER E 10 18.00 10.52 -1.48
CA SER E 10 17.92 10.12 -0.07
C SER E 10 17.80 11.31 0.88
N SER E 11 18.31 12.47 0.46
CA SER E 11 18.22 13.71 1.26
C SER E 11 16.82 14.25 1.42
N ILE E 12 15.91 13.82 0.55
CA ILE E 12 14.52 14.24 0.68
C ILE E 12 13.63 13.04 0.98
N ALA E 13 14.25 11.93 1.37
CA ALA E 13 13.49 10.73 1.74
C ALA E 13 12.81 10.87 3.13
N SER E 14 11.70 10.14 3.32
CA SER E 14 10.97 10.17 4.59
C SER E 14 10.32 11.51 4.87
N ALA E 15 10.02 12.24 3.79
CA ALA E 15 9.37 13.54 3.90
C ALA E 15 8.65 13.84 2.60
N SER E 16 7.66 14.71 2.65
CA SER E 16 7.07 15.28 1.44
C SER E 16 7.89 16.52 1.06
N SER E 17 7.99 16.77 -0.26
CA SER E 17 8.58 18.02 -0.77
C SER E 17 7.80 18.54 -1.98
N SER E 18 7.75 19.87 -2.11
CA SER E 18 7.01 20.56 -3.16
C SER E 18 7.94 21.17 -4.18
N TRP E 19 7.47 21.27 -5.40
CA TRP E 19 8.28 21.57 -6.58
C TRP E 19 7.41 22.34 -7.56
N GLN E 20 8.04 23.20 -8.35
CA GLN E 20 7.30 23.96 -9.37
C GLN E 20 8.14 24.08 -10.63
N ASN E 21 7.56 23.75 -11.77
CA ASN E 21 8.35 23.84 -13.01
C ASN E 21 8.26 25.22 -13.65
N GLN E 22 8.98 25.38 -14.75
CA GLN E 22 9.10 26.65 -15.45
C GLN E 22 7.77 27.16 -16.01
N SER E 23 6.81 26.26 -16.25
CA SER E 23 5.48 26.74 -16.66
C SER E 23 4.44 26.84 -15.53
N GLY E 24 4.88 26.77 -14.28
CA GLY E 24 3.98 26.94 -13.15
C GLY E 24 3.25 25.70 -12.64
N SER E 25 3.44 24.55 -13.29
CA SER E 25 2.91 23.29 -12.76
C SER E 25 3.59 22.93 -11.47
N THR E 26 2.89 22.27 -10.57
CA THR E 26 3.45 21.98 -9.26
C THR E 26 3.30 20.51 -8.98
N MET E 27 4.22 19.94 -8.21
CA MET E 27 4.05 18.60 -7.68
C MET E 27 4.45 18.53 -6.23
N ILE E 28 3.80 17.65 -5.49
CA ILE E 28 4.14 17.36 -4.09
C ILE E 28 4.46 15.89 -4.11
N ILE E 29 5.68 15.54 -3.71
CA ILE E 29 6.11 14.15 -3.77
C ILE E 29 6.55 13.63 -2.39
N GLN E 30 6.42 12.31 -2.21
CA GLN E 30 6.91 11.56 -1.03
C GLN E 30 7.93 10.59 -1.58
N VAL E 31 9.16 10.62 -1.06
CA VAL E 31 10.14 9.61 -1.39
C VAL E 31 10.40 8.72 -0.17
N ASP E 32 10.33 7.41 -0.32
CA ASP E 32 10.47 6.53 0.84
C ASP E 32 11.89 5.93 0.85
N SER E 33 12.16 5.12 1.86
CA SER E 33 13.48 4.51 2.04
C SER E 33 13.83 3.45 1.02
N PHE E 34 12.85 3.05 0.22
CA PHE E 34 13.05 1.94 -0.70
C PHE E 34 13.07 2.45 -2.15
N GLY E 35 13.19 3.76 -2.32
CA GLY E 35 13.31 4.39 -3.61
C GLY E 35 11.97 4.64 -4.30
N ASN E 36 10.86 4.45 -3.61
N ASN E 36 10.88 4.47 -3.58
CA ASN E 36 9.57 4.71 -4.25
CA ASN E 36 9.56 4.77 -4.16
C ASN E 36 9.12 6.15 -4.10
C ASN E 36 9.30 6.25 -4.16
N VAL E 37 8.62 6.71 -5.20
CA VAL E 37 8.10 8.06 -5.26
C VAL E 37 6.56 7.98 -5.41
N SER E 38 5.89 8.72 -4.56
N SER E 38 5.87 8.73 -4.56
CA SER E 38 4.46 8.95 -4.73
CA SER E 38 4.42 8.89 -4.62
C SER E 38 4.25 10.45 -4.78
C SER E 38 4.12 10.38 -4.52
N GLY E 39 3.05 10.84 -5.15
CA GLY E 39 2.76 12.24 -5.11
C GLY E 39 1.52 12.63 -5.85
N GLN E 40 1.39 13.93 -6.02
CA GLN E 40 0.28 14.53 -6.76
C GLN E 40 0.83 15.65 -7.62
N TYR E 41 0.40 15.69 -8.88
CA TYR E 41 0.84 16.72 -9.82
C TYR E 41 -0.32 17.65 -10.16
N VAL E 42 -0.08 18.96 -10.21
CA VAL E 42 -1.07 19.92 -10.64
C VAL E 42 -0.58 20.64 -11.90
N ASN E 43 -1.27 20.36 -13.00
CA ASN E 43 -0.90 20.90 -14.28
C ASN E 43 -1.42 22.33 -14.49
N ARG E 44 -0.53 23.22 -14.92
CA ARG E 44 -0.92 24.59 -15.30
C ARG E 44 -0.27 25.05 -16.59
N ALA E 45 0.10 24.11 -17.45
CA ALA E 45 0.68 24.42 -18.76
C ALA E 45 -0.37 25.02 -19.70
N GLN E 46 -0.06 26.17 -20.29
CA GLN E 46 -1.05 26.90 -21.13
C GLN E 46 -1.64 26.09 -22.26
N GLY E 47 -2.94 26.24 -22.46
CA GLY E 47 -3.61 25.60 -23.56
C GLY E 47 -3.92 24.12 -23.38
N THR E 48 -3.58 23.56 -22.21
CA THR E 48 -3.82 22.14 -21.96
C THR E 48 -5.11 21.91 -21.17
N GLY E 49 -5.66 20.70 -21.30
CA GLY E 49 -6.76 20.24 -20.44
C GLY E 49 -6.17 19.77 -19.11
N CYS E 50 -7.00 19.25 -18.21
CA CYS E 50 -6.52 18.69 -16.92
C CYS E 50 -5.66 19.67 -16.13
N GLN E 51 -6.13 20.90 -16.02
CA GLN E 51 -5.48 21.95 -15.24
C GLN E 51 -6.11 22.13 -13.87
N ASN E 52 -5.30 22.54 -12.91
CA ASN E 52 -5.74 22.99 -11.57
C ASN E 52 -6.46 21.94 -10.72
N SER E 53 -6.18 20.66 -10.93
CA SER E 53 -6.68 19.62 -10.03
C SER E 53 -5.56 18.62 -9.87
N PRO E 54 -5.50 17.93 -8.73
CA PRO E 54 -4.40 17.00 -8.53
C PRO E 54 -4.53 15.66 -9.25
N TYR E 55 -3.44 15.24 -9.91
CA TYR E 55 -3.32 13.93 -10.56
C TYR E 55 -2.27 13.07 -9.83
N PRO E 56 -2.59 11.80 -9.55
CA PRO E 56 -1.62 10.93 -8.90
C PRO E 56 -0.30 10.83 -9.66
N LEU E 57 0.82 10.82 -8.96
CA LEU E 57 2.02 10.56 -9.66
C LEU E 57 2.75 9.45 -8.92
N THR E 58 3.51 8.69 -9.70
CA THR E 58 4.26 7.58 -9.11
C THR E 58 5.64 7.43 -9.76
N GLY E 59 6.66 6.95 -9.03
CA GLY E 59 7.99 6.93 -9.65
C GLY E 59 9.00 6.17 -8.81
N ARG E 60 10.27 6.25 -9.23
CA ARG E 60 11.41 5.59 -8.55
C ARG E 60 12.55 6.56 -8.62
N VAL E 61 13.39 6.49 -7.56
CA VAL E 61 14.65 7.23 -7.52
C VAL E 61 15.77 6.23 -7.36
N ASN E 62 16.92 6.60 -7.91
CA ASN E 62 18.15 5.86 -7.67
C ASN E 62 19.29 6.90 -7.62
N GLY E 63 19.84 7.16 -6.45
CA GLY E 63 20.91 8.17 -6.38
C GLY E 63 20.35 9.54 -6.70
N THR E 64 20.96 10.27 -7.65
CA THR E 64 20.38 11.58 -8.05
C THR E 64 19.45 11.45 -9.19
N PHE E 65 19.14 10.22 -9.60
CA PHE E 65 18.26 9.98 -10.76
C PHE E 65 16.82 9.63 -10.39
N ILE E 66 15.93 10.06 -11.26
CA ILE E 66 14.50 9.95 -10.97
C ILE E 66 13.71 9.69 -12.25
N ALA E 67 12.64 8.88 -12.14
CA ALA E 67 11.66 8.73 -13.24
C ALA E 67 10.31 8.69 -12.56
N PHE E 68 9.34 9.46 -13.09
CA PHE E 68 8.00 9.49 -12.53
C PHE E 68 6.96 9.57 -13.63
N SER E 69 5.75 9.16 -13.29
CA SER E 69 4.70 8.96 -14.28
C SER E 69 3.36 9.53 -13.79
N VAL E 70 2.61 10.14 -14.73
CA VAL E 70 1.23 10.62 -14.47
C VAL E 70 0.27 10.17 -15.56
N GLY E 71 -0.88 9.63 -15.15
CA GLY E 71 -1.92 9.35 -16.12
C GLY E 71 -2.92 10.48 -15.93
N TRP E 72 -3.54 10.95 -17.02
CA TRP E 72 -4.35 12.18 -16.97
C TRP E 72 -5.83 11.96 -16.73
N ASN E 73 -6.16 11.09 -15.79
CA ASN E 73 -7.54 10.97 -15.30
C ASN E 73 -7.54 10.91 -13.78
N ASN E 74 -8.33 11.80 -13.15
CA ASN E 74 -8.48 11.82 -11.70
C ASN E 74 -9.94 11.83 -11.24
N SER E 75 -10.88 11.57 -12.17
CA SER E 75 -12.34 11.61 -11.89
C SER E 75 -12.95 13.02 -11.92
N THR E 76 -12.12 14.07 -11.90
CA THR E 76 -12.58 15.45 -12.11
C THR E 76 -12.49 15.78 -13.59
N GLU E 77 -11.37 15.42 -14.21
CA GLU E 77 -11.17 15.64 -15.64
C GLU E 77 -10.25 14.58 -16.21
N ASN E 78 -10.67 14.05 -17.37
CA ASN E 78 -10.00 12.96 -18.04
C ASN E 78 -9.50 13.41 -19.39
N CYS E 79 -8.18 13.46 -19.55
CA CYS E 79 -7.58 13.87 -20.81
C CYS E 79 -7.04 12.69 -21.63
N ASN E 80 -7.32 11.47 -21.20
N ASN E 80 -7.40 11.46 -21.28
CA ASN E 80 -7.01 10.29 -22.00
CA ASN E 80 -6.99 10.33 -22.10
C ASN E 80 -5.56 10.24 -22.51
C ASN E 80 -5.53 10.44 -22.57
N SER E 81 -4.61 10.55 -21.61
CA SER E 81 -3.19 10.74 -21.98
C SER E 81 -2.31 10.27 -20.84
N ALA E 82 -1.00 10.17 -21.10
CA ALA E 82 -0.05 9.89 -20.01
C ALA E 82 1.28 10.58 -20.26
N THR E 83 1.93 11.00 -19.19
CA THR E 83 3.23 11.61 -19.32
C THR E 83 4.27 10.89 -18.43
N GLY E 84 5.45 10.63 -19.00
CA GLY E 84 6.60 10.11 -18.22
C GLY E 84 7.71 11.14 -18.21
N TRP E 85 8.20 11.46 -17.03
CA TRP E 85 9.37 12.33 -16.86
C TRP E 85 10.57 11.47 -16.38
N THR E 86 11.76 11.81 -16.88
CA THR E 86 12.97 11.10 -16.47
C THR E 86 14.09 12.14 -16.35
N GLY E 87 14.93 12.07 -15.31
CA GLY E 87 15.99 13.07 -15.20
C GLY E 87 16.73 12.95 -13.91
N TYR E 88 17.16 14.09 -13.40
CA TYR E 88 18.12 14.05 -12.30
C TYR E 88 18.02 15.33 -11.52
N ALA E 89 18.36 15.25 -10.25
CA ALA E 89 18.46 16.42 -9.41
C ALA E 89 19.88 16.98 -9.49
N GLN E 90 19.99 18.30 -9.35
CA GLN E 90 21.26 19.00 -9.42
C GLN E 90 21.17 20.33 -8.67
N VAL E 91 22.34 20.83 -8.26
CA VAL E 91 22.44 22.14 -7.62
C VAL E 91 22.11 23.31 -8.55
N ASN E 92 21.39 24.28 -7.99
CA ASN E 92 21.01 25.46 -8.73
C ASN E 92 21.18 26.62 -7.74
N GLY E 93 22.38 27.18 -7.71
CA GLY E 93 22.76 28.20 -6.73
C GLY E 93 22.95 27.51 -5.40
N ASN E 94 22.04 27.81 -4.48
CA ASN E 94 21.91 27.12 -3.17
C ASN E 94 20.65 26.21 -3.15
N ASN E 95 19.80 26.32 -4.18
CA ASN E 95 18.55 25.54 -4.35
C ASN E 95 18.90 24.19 -5.02
N THR E 96 17.97 23.25 -4.95
N THR E 96 17.93 23.28 -5.01
CA THR E 96 18.04 22.01 -5.72
CA THR E 96 18.05 22.01 -5.69
C THR E 96 17.00 22.08 -6.81
C THR E 96 16.99 22.02 -6.79
N GLU E 97 17.38 21.64 -8.00
CA GLU E 97 16.45 21.54 -9.11
C GLU E 97 16.43 20.12 -9.65
N ILE E 98 15.31 19.76 -10.28
CA ILE E 98 15.19 18.49 -10.97
C ILE E 98 15.04 18.74 -12.47
N VAL E 99 16.04 18.33 -13.23
CA VAL E 99 16.05 18.53 -14.69
C VAL E 99 15.45 17.28 -15.31
N THR E 100 14.39 17.42 -16.11
CA THR E 100 13.79 16.24 -16.68
C THR E 100 13.55 16.38 -18.18
N SER E 101 13.45 15.23 -18.85
CA SER E 101 12.96 15.11 -20.20
C SER E 101 11.63 14.38 -20.05
N TRP E 102 10.60 14.77 -20.79
CA TRP E 102 9.33 14.11 -20.69
C TRP E 102 8.85 13.64 -22.05
N ASN E 103 7.92 12.67 -22.01
CA ASN E 103 7.19 12.20 -23.17
C ASN E 103 5.73 12.24 -22.76
N LEU E 104 4.87 12.63 -23.72
CA LEU E 104 3.43 12.69 -23.56
C LEU E 104 2.84 11.82 -24.66
N ALA E 105 2.10 10.78 -24.28
CA ALA E 105 1.43 9.91 -25.24
C ALA E 105 -0.05 10.25 -25.19
N TYR E 106 -0.62 10.47 -26.38
CA TYR E 106 -1.99 10.96 -26.49
C TYR E 106 -2.58 10.54 -27.84
N GLU E 107 -3.90 10.70 -27.96
CA GLU E 107 -4.60 10.48 -29.21
C GLU E 107 -4.58 11.74 -30.05
N GLY E 108 -3.82 11.71 -31.14
CA GLY E 108 -3.78 12.83 -32.07
C GLY E 108 -4.67 12.62 -33.29
N GLY E 109 -4.48 13.49 -34.28
CA GLY E 109 -5.25 13.49 -35.52
C GLY E 109 -5.37 12.14 -36.18
N SER E 110 -4.23 11.48 -36.42
CA SER E 110 -4.23 10.19 -37.11
C SER E 110 -3.88 9.00 -36.20
N GLY E 111 -4.17 9.14 -34.91
CA GLY E 111 -4.05 8.03 -33.96
C GLY E 111 -3.06 8.36 -32.87
N PRO E 112 -2.67 7.36 -32.05
CA PRO E 112 -1.76 7.60 -30.93
C PRO E 112 -0.47 8.27 -31.36
N ALA E 113 -0.01 9.23 -30.57
CA ALA E 113 1.21 9.94 -30.83
C ALA E 113 2.00 10.15 -29.54
N ILE E 114 3.25 10.58 -29.69
CA ILE E 114 4.11 10.83 -28.54
C ILE E 114 4.84 12.14 -28.81
N GLU E 115 4.63 13.14 -27.95
CA GLU E 115 5.36 14.40 -28.00
C GLU E 115 6.44 14.47 -26.92
N GLN E 116 7.54 15.14 -27.22
CA GLN E 116 8.68 15.22 -26.28
C GLN E 116 8.87 16.61 -25.73
N GLY E 117 9.41 16.72 -24.53
CA GLY E 117 9.78 18.03 -24.00
C GLY E 117 10.71 17.96 -22.80
N GLN E 118 10.95 19.12 -22.21
CA GLN E 118 11.84 19.24 -21.07
C GLN E 118 11.15 20.09 -19.99
N ASP E 119 11.28 19.69 -18.72
CA ASP E 119 10.73 20.45 -17.61
C ASP E 119 11.83 20.55 -16.60
N THR E 120 11.97 21.70 -15.94
CA THR E 120 12.91 21.78 -14.84
C THR E 120 12.13 22.24 -13.61
N PHE E 121 12.21 21.45 -12.53
CA PHE E 121 11.47 21.78 -11.30
C PHE E 121 12.37 22.37 -10.23
N GLN E 122 11.90 23.46 -9.64
CA GLN E 122 12.58 24.12 -8.54
C GLN E 122 11.87 23.72 -7.27
N TYR E 123 12.65 23.51 -6.22
CA TYR E 123 12.12 23.24 -4.88
C TYR E 123 11.36 24.45 -4.33
N VAL E 124 10.26 24.16 -3.62
N VAL E 124 10.23 24.22 -3.66
CA VAL E 124 9.42 25.16 -2.96
CA VAL E 124 9.54 25.31 -2.98
C VAL E 124 9.34 24.87 -1.46
C VAL E 124 9.34 24.93 -1.50
N PRO E 125 9.81 25.79 -0.59
CA PRO E 125 9.78 25.51 0.87
C PRO E 125 8.37 25.59 1.43
N THR E 126 8.11 25.01 2.59
CA THR E 126 6.76 25.04 3.20
C THR E 126 6.49 26.39 3.83
N THR E 127 5.32 26.98 3.54
CA THR E 127 4.85 28.16 4.25
C THR E 127 4.25 27.72 5.59
N GLU E 128 4.72 28.30 6.69
CA GLU E 128 4.24 27.91 8.03
C GLU E 128 3.18 28.87 8.48
N ASN E 129 1.97 28.35 8.73
N ASN E 129 2.01 28.34 8.83
CA ASN E 129 0.87 29.12 9.31
CA ASN E 129 0.85 29.12 9.22
C ASN E 129 0.65 28.75 10.74
C ASN E 129 0.39 28.71 10.64
N LYS E 130 0.11 29.70 11.48
CA LYS E 130 -0.27 29.50 12.88
C LYS E 130 -1.47 28.56 13.04
N SER E 131 -2.40 28.65 12.09
CA SER E 131 -3.59 27.81 12.14
C SER E 131 -4.32 27.85 10.79
N LEU E 132 -5.37 27.05 10.68
CA LEU E 132 -6.18 26.98 9.47
C LEU E 132 -7.25 28.06 9.50
N LEU E 133 -7.95 28.20 10.61
CA LEU E 133 -8.96 29.25 10.70
C LEU E 133 -8.34 30.54 11.20
N LYS E 134 -8.81 31.67 10.69
CA LYS E 134 -8.10 32.95 10.91
C LYS E 134 -8.81 33.99 11.75
N PHE F 1 -5.61 -13.93 -20.96
CA PHE F 1 -6.28 -12.85 -21.75
C PHE F 1 -6.16 -13.12 -23.24
N ASP F 2 -7.17 -12.68 -23.98
CA ASP F 2 -7.14 -12.76 -25.44
C ASP F 2 -7.21 -11.37 -26.02
N ALA F 3 -6.40 -11.15 -27.07
CA ALA F 3 -6.26 -9.85 -27.75
C ALA F 3 -7.58 -9.34 -28.35
N SER F 4 -8.44 -10.27 -28.77
CA SER F 4 -9.76 -9.94 -29.31
C SER F 4 -10.66 -9.35 -28.23
N ASN F 5 -10.26 -9.51 -26.97
CA ASN F 5 -10.99 -8.90 -25.86
C ASN F 5 -10.39 -7.59 -25.34
N PHE F 6 -9.20 -7.20 -25.86
CA PHE F 6 -8.53 -5.99 -25.39
C PHE F 6 -9.14 -4.71 -25.95
N LYS F 7 -9.69 -3.90 -25.06
CA LYS F 7 -10.23 -2.59 -25.36
C LYS F 7 -9.22 -1.49 -24.99
N ASP F 8 -8.84 -1.47 -23.73
CA ASP F 8 -7.83 -0.54 -23.23
C ASP F 8 -7.30 -1.15 -21.96
N PHE F 9 -6.59 -0.38 -21.14
CA PHE F 9 -5.92 -1.02 -20.00
C PHE F 9 -6.90 -1.59 -18.99
N SER F 10 -8.14 -1.10 -18.98
CA SER F 10 -9.14 -1.68 -18.08
C SER F 10 -9.41 -3.17 -18.38
N SER F 11 -9.08 -3.63 -19.60
CA SER F 11 -9.31 -5.01 -20.03
C SER F 11 -8.36 -5.97 -19.36
N ILE F 12 -7.27 -5.43 -18.80
CA ILE F 12 -6.32 -6.23 -18.05
C ILE F 12 -6.16 -5.73 -16.60
N ALA F 13 -7.11 -4.93 -16.13
CA ALA F 13 -7.10 -4.45 -14.74
C ALA F 13 -7.45 -5.56 -13.76
N SER F 14 -7.03 -5.43 -12.51
CA SER F 14 -7.30 -6.44 -11.50
C SER F 14 -6.66 -7.78 -11.81
N ALA F 15 -5.51 -7.77 -12.47
CA ALA F 15 -4.82 -8.98 -12.78
C ALA F 15 -3.37 -8.64 -13.04
N SER F 16 -2.54 -9.67 -13.01
CA SER F 16 -1.14 -9.54 -13.43
C SER F 16 -1.03 -9.99 -14.89
N SER F 17 -0.09 -9.37 -15.60
N SER F 17 -0.09 -9.39 -15.60
CA SER F 17 0.19 -9.72 -17.00
CA SER F 17 0.17 -9.81 -16.98
C SER F 17 1.67 -9.59 -17.33
C SER F 17 1.66 -9.76 -17.22
N SER F 18 2.15 -10.56 -18.08
N SER F 18 2.11 -10.50 -18.22
CA SER F 18 3.54 -10.61 -18.48
CA SER F 18 3.52 -10.64 -18.52
C SER F 18 3.73 -10.07 -19.89
C SER F 18 3.82 -10.25 -19.96
N TRP F 19 4.91 -9.51 -20.14
CA TRP F 19 5.20 -8.82 -21.41
C TRP F 19 6.68 -9.05 -21.76
N GLN F 20 7.00 -8.93 -23.04
CA GLN F 20 8.39 -9.11 -23.47
C GLN F 20 8.65 -8.12 -24.58
N ASN F 21 9.80 -7.45 -24.56
CA ASN F 21 10.16 -6.55 -25.67
C ASN F 21 10.99 -7.30 -26.72
N GLN F 22 11.49 -6.55 -27.71
N GLN F 22 11.49 -6.60 -27.73
CA GLN F 22 12.21 -7.06 -28.87
CA GLN F 22 12.17 -7.28 -28.82
C GLN F 22 13.61 -7.51 -28.50
C GLN F 22 13.69 -7.24 -28.64
N SER F 23 14.09 -6.96 -27.40
CA SER F 23 15.49 -7.15 -26.96
C SER F 23 15.62 -8.23 -25.89
N GLY F 24 14.56 -8.94 -25.56
CA GLY F 24 14.63 -9.99 -24.55
C GLY F 24 14.30 -9.57 -23.13
N SER F 25 14.12 -8.28 -22.89
CA SER F 25 13.72 -7.86 -21.53
C SER F 25 12.23 -8.20 -21.31
N THR F 26 11.88 -8.48 -20.07
CA THR F 26 10.53 -8.85 -19.69
C THR F 26 10.05 -8.03 -18.53
N MET F 27 8.73 -7.95 -18.40
CA MET F 27 8.14 -7.30 -17.25
C MET F 27 6.84 -7.96 -16.87
N ILE F 28 6.54 -7.91 -15.60
CA ILE F 28 5.25 -8.42 -15.08
C ILE F 28 4.61 -7.23 -14.42
N ILE F 29 3.39 -6.91 -14.85
CA ILE F 29 2.71 -5.77 -14.30
C ILE F 29 1.36 -6.12 -13.68
N GLN F 30 0.99 -5.33 -12.68
CA GLN F 30 -0.33 -5.38 -12.07
C GLN F 30 -0.98 -4.04 -12.36
N VAL F 31 -2.19 -4.05 -12.91
CA VAL F 31 -2.93 -2.81 -13.14
C VAL F 31 -4.14 -2.86 -12.21
N ASP F 32 -4.33 -1.84 -11.38
CA ASP F 32 -5.50 -1.87 -10.49
C ASP F 32 -6.64 -1.02 -11.05
N SER F 33 -7.77 -1.03 -10.34
CA SER F 33 -8.96 -0.33 -10.86
C SER F 33 -8.89 1.20 -10.74
N PHE F 34 -7.83 1.73 -10.12
CA PHE F 34 -7.63 3.16 -9.96
C PHE F 34 -6.54 3.67 -10.91
N GLY F 35 -6.07 2.82 -11.79
CA GLY F 35 -5.15 3.25 -12.81
C GLY F 35 -3.72 3.12 -12.37
N ASN F 36 -3.47 2.49 -11.22
CA ASN F 36 -2.07 2.32 -10.78
C ASN F 36 -1.47 1.11 -11.46
N VAL F 37 -0.17 1.21 -11.80
CA VAL F 37 0.60 0.09 -12.30
C VAL F 37 1.73 -0.18 -11.35
N SER F 38 1.90 -1.44 -10.97
N SER F 38 1.93 -1.45 -11.04
CA SER F 38 3.10 -1.86 -10.24
CA SER F 38 3.06 -1.90 -10.22
C SER F 38 3.70 -2.98 -11.05
C SER F 38 3.58 -3.17 -10.82
N GLY F 39 4.84 -3.50 -10.57
CA GLY F 39 5.42 -4.68 -11.18
C GLY F 39 6.89 -4.81 -11.05
N GLN F 40 7.44 -5.69 -11.85
CA GLN F 40 8.87 -5.90 -11.84
C GLN F 40 9.36 -5.99 -13.24
N TYR F 41 10.54 -5.41 -13.47
CA TYR F 41 11.17 -5.43 -14.79
C TYR F 41 12.45 -6.25 -14.74
N VAL F 42 12.65 -7.11 -15.75
CA VAL F 42 13.92 -7.86 -15.88
C VAL F 42 14.57 -7.43 -17.18
N ASN F 43 15.70 -6.75 -17.05
CA ASN F 43 16.47 -6.23 -18.16
C ASN F 43 17.37 -7.31 -18.73
N ARG F 44 17.34 -7.47 -20.06
CA ARG F 44 18.35 -8.31 -20.69
C ARG F 44 19.02 -7.59 -21.88
N ALA F 45 19.05 -6.25 -21.86
CA ALA F 45 19.51 -5.47 -23.03
C ALA F 45 20.98 -5.69 -23.22
N GLN F 46 21.38 -6.02 -24.44
CA GLN F 46 22.78 -6.35 -24.75
C GLN F 46 23.74 -5.28 -24.25
N GLY F 47 24.77 -5.73 -23.54
CA GLY F 47 25.82 -4.85 -23.05
C GLY F 47 25.49 -3.94 -21.89
N THR F 48 24.31 -4.10 -21.28
CA THR F 48 23.98 -3.27 -20.12
C THR F 48 24.29 -3.91 -18.79
N GLY F 49 24.33 -3.10 -17.75
CA GLY F 49 24.41 -3.65 -16.40
C GLY F 49 23.00 -4.02 -15.93
N CYS F 50 22.89 -4.49 -14.71
CA CYS F 50 21.61 -4.74 -14.08
C CYS F 50 20.73 -5.68 -14.93
N GLN F 51 21.33 -6.78 -15.40
CA GLN F 51 20.59 -7.83 -16.12
C GLN F 51 20.13 -8.96 -15.20
N ASN F 52 19.03 -9.62 -15.58
CA ASN F 52 18.64 -10.89 -14.96
C ASN F 52 18.27 -10.83 -13.48
N SER F 53 17.81 -9.68 -12.98
CA SER F 53 17.28 -9.62 -11.62
C SER F 53 16.12 -8.67 -11.68
N PRO F 54 15.11 -8.88 -10.86
CA PRO F 54 13.91 -8.04 -10.97
C PRO F 54 14.12 -6.64 -10.38
N TYR F 55 13.73 -5.59 -11.11
CA TYR F 55 13.72 -4.20 -10.59
C TYR F 55 12.28 -3.71 -10.49
N PRO F 56 11.92 -3.07 -9.37
CA PRO F 56 10.55 -2.53 -9.19
C PRO F 56 10.15 -1.58 -10.31
N LEU F 57 8.90 -1.70 -10.78
CA LEU F 57 8.42 -0.71 -11.71
C LEU F 57 7.14 -0.14 -11.15
N THR F 58 6.87 1.12 -11.48
CA THR F 58 5.62 1.72 -11.03
C THR F 58 5.11 2.64 -12.14
N GLY F 59 3.79 2.82 -12.27
CA GLY F 59 3.36 3.72 -13.31
C GLY F 59 1.90 3.99 -13.16
N ARG F 60 1.33 4.59 -14.22
CA ARG F 60 -0.09 4.96 -14.28
C ARG F 60 -0.60 4.67 -15.67
N VAL F 61 -1.90 4.38 -15.73
CA VAL F 61 -2.60 4.10 -16.98
C VAL F 61 -3.76 5.07 -17.10
N ASN F 62 -4.12 5.42 -18.34
CA ASN F 62 -5.34 6.21 -18.56
C ASN F 62 -5.83 5.82 -19.93
N GLY F 63 -6.97 5.12 -19.96
CA GLY F 63 -7.50 4.58 -21.20
C GLY F 63 -6.50 3.60 -21.81
N THR F 64 -6.02 3.89 -23.02
N THR F 64 -6.01 3.98 -23.00
CA THR F 64 -5.04 3.00 -23.65
CA THR F 64 -5.09 3.17 -23.81
C THR F 64 -3.59 3.48 -23.48
C THR F 64 -3.64 3.65 -23.67
N PHE F 65 -3.40 4.57 -22.74
CA PHE F 65 -2.08 5.19 -22.55
C PHE F 65 -1.48 4.81 -21.22
N ILE F 66 -0.15 4.75 -21.23
CA ILE F 66 0.62 4.29 -20.07
C ILE F 66 1.92 5.05 -19.91
N ALA F 67 2.31 5.24 -18.66
CA ALA F 67 3.66 5.68 -18.36
C ALA F 67 4.15 4.88 -17.15
N PHE F 68 5.37 4.35 -17.24
CA PHE F 68 5.95 3.64 -16.08
C PHE F 68 7.45 3.93 -15.95
N SER F 69 7.96 3.66 -14.76
CA SER F 69 9.29 4.10 -14.32
C SER F 69 9.99 2.95 -13.60
N VAL F 70 11.31 2.85 -13.77
CA VAL F 70 12.21 1.91 -13.07
C VAL F 70 13.47 2.64 -12.64
N GLY F 71 13.79 2.47 -11.37
CA GLY F 71 15.10 2.87 -10.83
C GLY F 71 16.00 1.64 -10.86
N TRP F 72 17.23 1.83 -11.32
CA TRP F 72 18.12 0.67 -11.50
C TRP F 72 18.93 0.30 -10.26
N ASN F 73 18.27 0.23 -9.12
CA ASN F 73 18.88 -0.34 -7.90
C ASN F 73 17.86 -1.25 -7.23
N ASN F 74 18.28 -2.49 -6.95
CA ASN F 74 17.41 -3.46 -6.29
C ASN F 74 18.08 -4.17 -5.13
N SER F 75 19.24 -3.68 -4.72
CA SER F 75 20.15 -4.33 -3.69
C SER F 75 20.98 -5.54 -4.15
N THR F 76 20.71 -6.05 -5.33
CA THR F 76 21.53 -7.04 -5.98
C THR F 76 22.56 -6.32 -6.85
N GLU F 77 22.09 -5.37 -7.67
CA GLU F 77 23.00 -4.63 -8.53
C GLU F 77 22.43 -3.22 -8.68
N ASN F 78 23.31 -2.24 -8.50
CA ASN F 78 22.98 -0.84 -8.56
C ASN F 78 23.69 -0.22 -9.75
N CYS F 79 22.92 0.24 -10.74
CA CYS F 79 23.47 0.93 -11.92
C CYS F 79 23.30 2.45 -11.91
N ASN F 80 22.91 3.04 -10.78
N ASN F 80 22.87 3.00 -10.78
CA ASN F 80 22.85 4.49 -10.61
CA ASN F 80 22.82 4.42 -10.59
C ASN F 80 22.15 5.25 -11.72
C ASN F 80 22.21 5.14 -11.79
N SER F 81 20.98 4.75 -12.12
CA SER F 81 20.26 5.29 -13.30
C SER F 81 18.75 5.14 -13.09
N ALA F 82 17.98 5.75 -13.99
CA ALA F 82 16.52 5.55 -13.99
C ALA F 82 15.99 5.63 -15.42
N THR F 83 14.94 4.86 -15.73
CA THR F 83 14.36 4.89 -17.05
C THR F 83 12.86 5.14 -16.90
N GLY F 84 12.36 5.98 -17.81
CA GLY F 84 10.91 6.22 -17.90
C GLY F 84 10.42 5.89 -19.31
N TRP F 85 9.34 5.12 -19.36
CA TRP F 85 8.67 4.71 -20.61
C TRP F 85 7.29 5.37 -20.68
N THR F 86 6.85 5.74 -21.88
CA THR F 86 5.53 6.39 -22.08
C THR F 86 5.07 5.86 -23.41
N GLY F 87 3.81 5.49 -23.48
CA GLY F 87 3.35 4.93 -24.74
C GLY F 87 1.91 4.58 -24.66
N TYR F 88 1.54 3.61 -25.49
CA TYR F 88 0.15 3.23 -25.69
C TYR F 88 0.05 1.76 -26.03
N ALA F 89 -1.09 1.17 -25.67
CA ALA F 89 -1.38 -0.21 -25.98
C ALA F 89 -2.19 -0.23 -27.23
N GLN F 90 -1.98 -1.28 -28.03
CA GLN F 90 -2.80 -1.54 -29.21
C GLN F 90 -2.90 -3.04 -29.47
N VAL F 91 -4.06 -3.45 -29.98
CA VAL F 91 -4.24 -4.80 -30.50
C VAL F 91 -3.61 -4.85 -31.89
N ASN F 92 -2.85 -5.92 -32.13
CA ASN F 92 -2.18 -6.14 -33.40
C ASN F 92 -2.30 -7.61 -33.76
N GLY F 93 -3.35 -7.93 -34.52
CA GLY F 93 -3.66 -9.32 -34.83
C GLY F 93 -4.09 -10.05 -33.58
N ASN F 94 -3.40 -11.15 -33.29
CA ASN F 94 -3.68 -11.93 -32.07
C ASN F 94 -2.78 -11.49 -30.92
N ASN F 95 -2.04 -10.40 -31.12
CA ASN F 95 -1.16 -9.85 -30.09
C ASN F 95 -1.70 -8.55 -29.49
N THR F 96 -1.40 -8.31 -28.21
CA THR F 96 -1.58 -6.98 -27.66
C THR F 96 -0.18 -6.46 -27.49
N GLU F 97 0.05 -5.22 -27.91
CA GLU F 97 1.38 -4.58 -27.89
C GLU F 97 1.34 -3.30 -27.07
N ILE F 98 2.45 -2.96 -26.44
CA ILE F 98 2.60 -1.65 -25.81
C ILE F 98 3.78 -0.97 -26.52
N VAL F 99 3.46 0.09 -27.24
CA VAL F 99 4.45 0.86 -27.99
C VAL F 99 4.94 2.00 -27.13
N THR F 100 6.24 2.06 -26.88
CA THR F 100 6.78 3.07 -25.94
C THR F 100 7.98 3.84 -26.52
N SER F 101 8.14 5.06 -26.03
CA SER F 101 9.40 5.77 -26.10
C SER F 101 9.97 5.81 -24.70
N TRP F 102 11.28 5.73 -24.59
CA TRP F 102 11.88 5.79 -23.26
C TRP F 102 13.02 6.79 -23.17
N ASN F 103 13.28 7.25 -21.94
CA ASN F 103 14.44 8.06 -21.59
C ASN F 103 15.17 7.35 -20.51
N LEU F 104 16.49 7.37 -20.62
CA LEU F 104 17.36 6.83 -19.58
C LEU F 104 18.20 7.98 -19.04
N ALA F 105 18.08 8.27 -17.74
CA ALA F 105 18.94 9.26 -17.07
C ALA F 105 20.04 8.50 -16.33
N TYR F 106 21.29 8.93 -16.51
CA TYR F 106 22.43 8.14 -16.07
C TYR F 106 23.63 9.07 -15.91
N GLU F 107 24.69 8.56 -15.28
CA GLU F 107 25.92 9.31 -15.08
C GLU F 107 26.84 9.05 -16.27
N GLY F 108 26.94 10.04 -17.17
CA GLY F 108 27.83 9.98 -18.31
C GLY F 108 29.25 10.43 -17.91
N GLY F 109 30.08 10.67 -18.92
CA GLY F 109 31.45 11.02 -18.64
C GLY F 109 31.58 12.33 -17.90
N SER F 110 30.69 13.29 -18.18
CA SER F 110 30.78 14.65 -17.60
C SER F 110 29.84 14.92 -16.42
N GLY F 111 28.89 14.02 -16.21
CA GLY F 111 27.90 14.20 -15.17
C GLY F 111 26.62 13.61 -15.75
N PRO F 112 25.49 13.90 -15.10
CA PRO F 112 24.20 13.37 -15.52
C PRO F 112 23.84 13.69 -16.97
N ALA F 113 23.37 12.67 -17.68
CA ALA F 113 22.95 12.79 -19.08
C ALA F 113 21.64 12.01 -19.29
N ILE F 114 21.00 12.21 -20.45
CA ILE F 114 19.77 11.50 -20.79
C ILE F 114 19.89 10.90 -22.19
N GLU F 115 19.61 9.60 -22.33
CA GLU F 115 19.57 8.89 -23.62
C GLU F 115 18.11 8.55 -23.97
N GLN F 116 17.77 8.56 -25.26
CA GLN F 116 16.42 8.23 -25.70
C GLN F 116 16.43 6.92 -26.49
N GLY F 117 15.32 6.19 -26.46
CA GLY F 117 15.20 5.05 -27.35
C GLY F 117 13.74 4.66 -27.40
N GLN F 118 13.46 3.50 -27.96
N GLN F 118 13.46 3.52 -28.00
CA GLN F 118 12.07 3.03 -28.10
CA GLN F 118 12.09 3.01 -28.12
C GLN F 118 11.96 1.51 -28.02
C GLN F 118 12.08 1.54 -27.76
N ASP F 119 10.93 1.03 -27.32
CA ASP F 119 10.79 -0.39 -27.00
C ASP F 119 9.34 -0.71 -27.32
N THR F 120 9.08 -1.91 -27.87
CA THR F 120 7.68 -2.39 -27.98
C THR F 120 7.59 -3.72 -27.28
N PHE F 121 6.59 -3.82 -26.39
CA PHE F 121 6.32 -5.00 -25.62
C PHE F 121 5.13 -5.76 -26.19
N GLN F 122 5.24 -7.08 -26.24
CA GLN F 122 4.12 -7.96 -26.58
C GLN F 122 3.69 -8.75 -25.36
N TYR F 123 2.38 -8.99 -25.24
CA TYR F 123 1.84 -9.81 -24.16
C TYR F 123 2.24 -11.26 -24.31
N VAL F 124 2.59 -11.89 -23.19
CA VAL F 124 3.05 -13.28 -23.14
C VAL F 124 2.06 -14.06 -22.25
N PRO F 125 1.34 -15.06 -22.82
CA PRO F 125 0.41 -15.82 -21.95
C PRO F 125 1.12 -16.65 -20.88
N THR F 126 0.41 -16.93 -19.81
CA THR F 126 0.94 -17.75 -18.72
C THR F 126 1.16 -19.18 -19.14
N THR F 127 2.29 -19.75 -18.72
CA THR F 127 2.57 -21.18 -18.87
C THR F 127 1.96 -21.90 -17.67
N GLU F 128 1.13 -22.91 -17.93
CA GLU F 128 0.33 -23.56 -16.89
C GLU F 128 0.75 -24.99 -16.69
N ASN F 129 0.03 -25.67 -15.80
CA ASN F 129 0.22 -27.10 -15.50
C ASN F 129 1.66 -27.54 -15.29
N LYS F 130 2.36 -26.71 -14.51
CA LYS F 130 3.72 -26.95 -14.09
C LYS F 130 3.79 -27.31 -12.60
N SER F 131 4.87 -27.97 -12.22
CA SER F 131 5.03 -28.47 -10.86
C SER F 131 6.27 -27.82 -10.29
N LEU F 132 6.17 -27.36 -9.05
CA LEU F 132 7.25 -26.65 -8.38
C LEU F 132 8.27 -27.61 -7.73
N LEU F 133 7.99 -28.91 -7.81
CA LEU F 133 8.84 -29.90 -7.15
C LEU F 133 9.43 -30.95 -8.09
N LYS F 134 10.67 -31.33 -7.75
CA LYS F 134 11.38 -32.51 -8.25
C LYS F 134 12.80 -32.39 -7.71
#